data_6GO5
#
_entry.id   6GO5
#
_cell.length_a   234.180
_cell.length_b   69.250
_cell.length_c   59.690
_cell.angle_alpha   90.00
_cell.angle_beta   95.20
_cell.angle_gamma   90.00
#
_symmetry.space_group_name_H-M   'C 1 2 1'
#
loop_
_entity.id
_entity.type
_entity.pdbx_description
1 polymer 'DNA nucleotidylexotransferase,DNA-directed DNA/RNA polymerase mu,DNA nucleotidylexotransferase'
2 polymer "DNA (5'-D(*CP*GP*CP*TP*GP*GP*CP*AP*AP*AP*CP*A)-3')"
3 polymer "DNA (5'-D(*TP*GP*TP*TP*TP*G)-3')"
4 polymer "DNA (5'-D(*AP*CP*AP*GP*CP*G)-3')"
5 non-polymer 'SODIUM ION'
6 non-polymer 'MAGNESIUM ION'
7 non-polymer "2'-deoxy-5'-O-[(S)-hydroxy{[(S)-hydroxy(phosphonooxy)phosphoryl]methyl}phosphoryl]cytidine"
8 water water
#
loop_
_entity_poly.entity_id
_entity_poly.type
_entity_poly.pdbx_seq_one_letter_code
_entity_poly.pdbx_strand_id
1 'polypeptide(L)'
;MGSSHHHHHHSSGLVPRGSHMSPSPVPGSQNVPAPAVKKISQYACQRRTTLNNYNQLFTDALDILAENDELRENEGSCLA
FMRASSVLKSLPFPITSMKDTEGIPCLGDKVKSIIEGIIEDGESSEAKAVLNDERYKSFKLFTSVFGVGLKTAEKWFRMG
FRTLSKIQSDKSLRFTQMQKAGFLYYEDLVSCVNRPEAEAVSMLVKEAVVTFLPDALVTMTGGFRRGKMTGHDVDFLITS
PEATEDEEQQLLHKVTDFWKQQGLLLYHQYHRSHLADSAHNLRQRSSTMDVFERSFCILKLDHGRVHSEKSGQQEGKGWK
AIRVDLVMCPYDRRAFALLGWTGSRQFERDLRRYATHERKMMLDNHALYDRTKRVFLEAESEEEIFAHLGLDYIEPWERN
A
;
A,B
2 'polydeoxyribonucleotide' (DC)(DG)(DC)(DT)(DG)(DG)(DC)(DA)(DA)(DA)(DC)(DA) H,N
3 'polydeoxyribonucleotide' (DT)(DG)(DT)(DT)(DT)(DG) F,L
4 'polydeoxyribonucleotide' (DA)(DC)(DA)(DG)(DC)(DG) G,M
#
loop_
_chem_comp.id
_chem_comp.type
_chem_comp.name
_chem_comp.formula
DA DNA linking 2'-DEOXYADENOSINE-5'-MONOPHOSPHATE 'C10 H14 N5 O6 P'
DC DNA linking 2'-DEOXYCYTIDINE-5'-MONOPHOSPHATE 'C9 H14 N3 O7 P'
DG DNA linking 2'-DEOXYGUANOSINE-5'-MONOPHOSPHATE 'C10 H14 N5 O7 P'
DT DNA linking THYMIDINE-5'-MONOPHOSPHATE 'C10 H15 N2 O8 P'
MG non-polymer 'MAGNESIUM ION' 'Mg 2'
NA non-polymer 'SODIUM ION' 'Na 1'
XC5 non-polymer 2'-deoxy-5'-O-[(S)-hydroxy{[(S)-hydroxy(phosphonooxy)phosphoryl]methyl}phosphoryl]cytidine 'C10 H18 N3 O12 P3'
#
# COMPACT_ATOMS: atom_id res chain seq x y z
N LYS A 39 -29.89 7.22 -26.82
CA LYS A 39 -30.16 8.12 -25.69
C LYS A 39 -29.70 7.53 -24.34
N ILE A 40 -29.90 6.20 -24.07
CA ILE A 40 -29.41 5.62 -22.80
C ILE A 40 -27.94 5.23 -22.99
N SER A 41 -27.07 5.65 -22.06
CA SER A 41 -25.65 5.35 -22.09
C SER A 41 -25.37 3.96 -21.54
N GLN A 42 -24.35 3.29 -22.10
CA GLN A 42 -23.90 1.97 -21.64
C GLN A 42 -23.14 2.06 -20.29
N TYR A 43 -22.78 3.29 -19.86
CA TYR A 43 -22.06 3.61 -18.62
C TYR A 43 -23.02 4.09 -17.50
N ALA A 44 -22.96 3.45 -16.32
CA ALA A 44 -23.76 3.77 -15.11
C ALA A 44 -23.56 5.19 -14.61
N CYS A 45 -22.33 5.72 -14.72
CA CYS A 45 -21.95 7.08 -14.34
C CYS A 45 -22.62 8.16 -15.22
N GLN A 46 -23.15 7.74 -16.37
CA GLN A 46 -23.78 8.61 -17.37
C GLN A 46 -25.29 8.42 -17.40
N ARG A 47 -25.84 7.86 -16.32
CA ARG A 47 -27.27 7.65 -16.11
C ARG A 47 -27.66 7.76 -14.62
N ARG A 48 -28.96 8.06 -14.34
CA ARG A 48 -29.55 8.21 -13.01
C ARG A 48 -30.27 6.95 -12.59
N THR A 49 -29.85 6.35 -11.46
CA THR A 49 -30.42 5.12 -10.94
C THR A 49 -30.83 5.31 -9.50
N THR A 50 -32.10 5.57 -9.31
CA THR A 50 -32.67 5.78 -7.99
C THR A 50 -33.06 4.43 -7.41
N LEU A 51 -33.72 4.41 -6.26
CA LEU A 51 -34.12 3.13 -5.70
C LEU A 51 -35.48 2.63 -6.22
N ASN A 52 -36.12 3.38 -7.15
CA ASN A 52 -37.37 2.91 -7.76
C ASN A 52 -37.06 2.04 -8.97
N ASN A 53 -37.09 0.71 -8.77
CA ASN A 53 -36.85 -0.26 -9.83
C ASN A 53 -38.19 -0.80 -10.37
N TYR A 54 -38.49 -0.47 -11.64
CA TYR A 54 -39.72 -0.90 -12.31
C TYR A 54 -39.56 -2.24 -13.00
N ASN A 55 -38.31 -2.72 -13.12
CA ASN A 55 -38.00 -3.96 -13.81
C ASN A 55 -37.42 -5.02 -12.90
N GLN A 56 -37.83 -5.00 -11.63
CA GLN A 56 -37.37 -5.92 -10.61
C GLN A 56 -37.58 -7.40 -10.94
N LEU A 57 -38.62 -7.75 -11.72
CA LEU A 57 -38.88 -9.14 -12.14
C LEU A 57 -37.81 -9.59 -13.14
N PHE A 58 -37.34 -8.64 -13.97
CA PHE A 58 -36.30 -8.86 -14.98
C PHE A 58 -34.92 -8.85 -14.33
N THR A 59 -34.65 -7.86 -13.46
CA THR A 59 -33.34 -7.68 -12.79
C THR A 59 -33.05 -8.81 -11.80
N ASP A 60 -34.06 -9.36 -11.10
CA ASP A 60 -33.83 -10.46 -10.17
C ASP A 60 -33.32 -11.71 -10.87
N ALA A 61 -33.86 -11.98 -12.08
CA ALA A 61 -33.46 -13.10 -12.93
C ALA A 61 -32.04 -12.92 -13.48
N LEU A 62 -31.69 -11.70 -13.94
CA LEU A 62 -30.37 -11.37 -14.48
C LEU A 62 -29.25 -11.40 -13.42
N ASP A 63 -29.59 -11.11 -12.14
CA ASP A 63 -28.65 -11.15 -11.01
C ASP A 63 -28.26 -12.58 -10.71
N ILE A 64 -29.23 -13.50 -10.86
CA ILE A 64 -29.10 -14.93 -10.65
C ILE A 64 -28.17 -15.54 -11.74
N LEU A 65 -28.38 -15.14 -13.01
CA LEU A 65 -27.59 -15.59 -14.17
C LEU A 65 -26.17 -15.02 -14.17
N ALA A 66 -26.00 -13.83 -13.59
CA ALA A 66 -24.68 -13.24 -13.35
C ALA A 66 -23.95 -14.04 -12.27
N GLU A 67 -24.65 -14.38 -11.17
CA GLU A 67 -24.09 -15.16 -10.06
C GLU A 67 -23.61 -16.54 -10.52
N ASN A 68 -24.41 -17.23 -11.37
CA ASN A 68 -24.09 -18.56 -11.90
C ASN A 68 -22.85 -18.52 -12.80
N ASP A 69 -22.68 -17.44 -13.57
CA ASP A 69 -21.49 -17.30 -14.42
C ASP A 69 -20.25 -16.90 -13.62
N GLU A 70 -20.45 -16.28 -12.45
CA GLU A 70 -19.39 -15.89 -11.52
C GLU A 70 -18.86 -17.16 -10.87
N LEU A 71 -19.79 -18.03 -10.43
CA LEU A 71 -19.53 -19.33 -9.83
C LEU A 71 -18.80 -20.25 -10.84
N ARG A 72 -19.30 -20.32 -12.09
CA ARG A 72 -18.70 -21.10 -13.18
C ARG A 72 -17.41 -20.45 -13.72
N GLU A 73 -17.10 -19.23 -13.23
CA GLU A 73 -15.93 -18.39 -13.52
C GLU A 73 -15.80 -17.99 -15.02
N ASN A 74 -16.94 -17.63 -15.66
CA ASN A 74 -16.98 -17.10 -17.03
C ASN A 74 -17.23 -15.60 -16.80
N GLU A 75 -16.14 -14.85 -16.58
CA GLU A 75 -16.14 -13.43 -16.19
C GLU A 75 -16.90 -12.50 -17.13
N GLY A 76 -16.71 -12.67 -18.44
CA GLY A 76 -17.33 -11.85 -19.47
C GLY A 76 -18.83 -11.94 -19.50
N SER A 77 -19.35 -13.18 -19.41
CA SER A 77 -20.79 -13.47 -19.40
C SER A 77 -21.45 -12.94 -18.11
N CYS A 78 -20.77 -13.07 -16.97
CA CYS A 78 -21.17 -12.59 -15.65
C CYS A 78 -21.36 -11.09 -15.72
N LEU A 79 -20.32 -10.35 -16.15
CA LEU A 79 -20.35 -8.89 -16.29
C LEU A 79 -21.44 -8.41 -17.23
N ALA A 80 -21.71 -9.13 -18.32
CA ALA A 80 -22.77 -8.79 -19.27
C ALA A 80 -24.17 -8.84 -18.62
N PHE A 81 -24.43 -9.84 -17.76
CA PHE A 81 -25.68 -9.94 -17.06
C PHE A 81 -25.81 -8.86 -15.99
N MET A 82 -24.67 -8.48 -15.37
CA MET A 82 -24.53 -7.42 -14.38
C MET A 82 -24.79 -6.05 -14.99
N ARG A 83 -24.23 -5.82 -16.19
CA ARG A 83 -24.39 -4.58 -16.96
C ARG A 83 -25.84 -4.39 -17.36
N ALA A 84 -26.49 -5.46 -17.79
CA ALA A 84 -27.88 -5.49 -18.25
C ALA A 84 -28.88 -5.32 -17.10
N SER A 85 -28.64 -5.96 -15.94
CA SER A 85 -29.46 -5.82 -14.73
C SER A 85 -29.43 -4.33 -14.28
N SER A 86 -28.23 -3.70 -14.34
CA SER A 86 -27.97 -2.32 -13.98
C SER A 86 -28.67 -1.30 -14.87
N VAL A 87 -28.63 -1.52 -16.20
CA VAL A 87 -29.29 -0.63 -17.17
C VAL A 87 -30.87 -0.70 -17.01
N LEU A 88 -31.45 -1.86 -16.62
CA LEU A 88 -32.90 -1.99 -16.40
C LEU A 88 -33.35 -1.30 -15.09
N LYS A 89 -32.43 -1.13 -14.11
CA LYS A 89 -32.69 -0.47 -12.84
C LYS A 89 -32.82 1.06 -13.02
N SER A 90 -32.16 1.60 -14.07
CA SER A 90 -32.13 3.03 -14.41
C SER A 90 -33.42 3.48 -15.10
N LEU A 91 -34.10 2.55 -15.76
CA LEU A 91 -35.34 2.80 -16.48
C LEU A 91 -36.41 3.46 -15.59
N PRO A 92 -37.00 4.58 -16.06
CA PRO A 92 -38.07 5.24 -15.29
C PRO A 92 -39.44 4.58 -15.54
N PHE A 93 -39.41 3.39 -16.16
CA PHE A 93 -40.60 2.65 -16.53
C PHE A 93 -40.35 1.13 -16.57
N PRO A 94 -41.45 0.31 -16.54
CA PRO A 94 -41.31 -1.13 -16.64
C PRO A 94 -41.46 -1.65 -18.07
N ILE A 95 -40.62 -2.63 -18.44
CA ILE A 95 -40.66 -3.29 -19.74
C ILE A 95 -41.90 -4.19 -19.72
N THR A 96 -42.76 -4.03 -20.74
CA THR A 96 -44.02 -4.76 -20.90
C THR A 96 -44.10 -5.45 -22.29
N SER A 97 -43.27 -4.98 -23.25
CA SER A 97 -43.15 -5.49 -24.62
C SER A 97 -41.68 -5.50 -25.06
N MET A 98 -41.35 -6.26 -26.13
CA MET A 98 -39.99 -6.33 -26.66
C MET A 98 -39.59 -5.04 -27.36
N LYS A 99 -40.58 -4.22 -27.75
CA LYS A 99 -40.35 -2.92 -28.39
C LYS A 99 -39.71 -1.94 -27.41
N ASP A 100 -39.86 -2.23 -26.10
CA ASP A 100 -39.28 -1.46 -24.99
C ASP A 100 -37.73 -1.58 -24.96
N THR A 101 -37.21 -2.81 -25.25
CA THR A 101 -35.79 -3.16 -25.27
C THR A 101 -34.98 -2.48 -26.39
N GLU A 102 -35.69 -1.98 -27.44
CA GLU A 102 -35.06 -1.31 -28.58
C GLU A 102 -34.32 -0.02 -28.15
N GLY A 103 -33.06 0.10 -28.55
CA GLY A 103 -32.20 1.23 -28.23
C GLY A 103 -31.50 1.17 -26.88
N ILE A 104 -31.83 0.14 -26.05
CA ILE A 104 -31.22 -0.02 -24.74
C ILE A 104 -29.88 -0.73 -24.83
N PRO A 105 -28.78 -0.06 -24.42
CA PRO A 105 -27.47 -0.73 -24.45
C PRO A 105 -27.38 -1.87 -23.41
N CYS A 106 -26.37 -2.76 -23.56
CA CYS A 106 -26.05 -3.89 -22.69
C CYS A 106 -27.03 -5.06 -22.89
N LEU A 107 -27.91 -4.93 -23.88
CA LEU A 107 -28.93 -5.90 -24.26
C LEU A 107 -28.62 -6.43 -25.66
N GLY A 108 -28.14 -7.67 -25.70
CA GLY A 108 -27.82 -8.35 -26.94
C GLY A 108 -28.81 -9.47 -27.16
N ASP A 109 -28.43 -10.52 -27.90
CA ASP A 109 -29.34 -11.62 -28.20
C ASP A 109 -29.73 -12.48 -26.99
N LYS A 110 -28.76 -12.90 -26.15
CA LYS A 110 -29.06 -13.75 -25.00
C LYS A 110 -29.98 -13.05 -23.96
N VAL A 111 -29.68 -11.79 -23.55
CA VAL A 111 -30.47 -11.05 -22.55
C VAL A 111 -31.87 -10.74 -23.10
N LYS A 112 -31.97 -10.34 -24.39
CA LYS A 112 -33.27 -10.09 -25.04
C LYS A 112 -34.17 -11.33 -24.99
N SER A 113 -33.59 -12.54 -25.15
CA SER A 113 -34.30 -13.82 -25.05
C SER A 113 -34.70 -14.15 -23.58
N ILE A 114 -33.97 -13.61 -22.58
CA ILE A 114 -34.29 -13.80 -21.16
C ILE A 114 -35.49 -12.91 -20.85
N ILE A 115 -35.46 -11.64 -21.30
CA ILE A 115 -36.53 -10.63 -21.15
C ILE A 115 -37.84 -11.14 -21.78
N GLU A 116 -37.76 -11.70 -23.01
CA GLU A 116 -38.86 -12.28 -23.77
C GLU A 116 -39.57 -13.41 -22.99
N GLY A 117 -38.79 -14.23 -22.29
CA GLY A 117 -39.29 -15.34 -21.47
C GLY A 117 -40.09 -14.89 -20.26
N ILE A 118 -39.69 -13.78 -19.64
CA ILE A 118 -40.36 -13.17 -18.48
C ILE A 118 -41.61 -12.40 -18.97
N ILE A 119 -41.60 -11.88 -20.22
CA ILE A 119 -42.74 -11.16 -20.81
C ILE A 119 -43.90 -12.13 -21.10
N GLU A 120 -43.60 -13.27 -21.76
CA GLU A 120 -44.58 -14.29 -22.14
C GLU A 120 -45.08 -15.15 -20.98
N ASP A 121 -44.20 -15.46 -20.00
CA ASP A 121 -44.51 -16.33 -18.86
C ASP A 121 -44.71 -15.59 -17.53
N GLY A 122 -43.87 -14.59 -17.27
CA GLY A 122 -43.85 -13.87 -16.01
C GLY A 122 -42.74 -14.39 -15.12
N GLU A 123 -42.22 -15.56 -15.51
CA GLU A 123 -41.14 -16.30 -14.85
C GLU A 123 -40.05 -16.64 -15.86
N SER A 124 -38.78 -16.70 -15.38
CA SER A 124 -37.62 -17.07 -16.20
C SER A 124 -37.27 -18.55 -15.93
N SER A 125 -37.31 -19.38 -16.98
CA SER A 125 -36.98 -20.82 -16.91
C SER A 125 -35.48 -21.04 -16.63
N GLU A 126 -34.63 -20.15 -17.19
CA GLU A 126 -33.17 -20.17 -17.08
C GLU A 126 -32.72 -19.80 -15.66
N ALA A 127 -33.35 -18.77 -15.06
CA ALA A 127 -33.02 -18.33 -13.71
C ALA A 127 -33.53 -19.32 -12.66
N LYS A 128 -34.72 -19.94 -12.90
CA LYS A 128 -35.33 -20.92 -12.01
C LYS A 128 -34.51 -22.20 -11.91
N ALA A 129 -33.83 -22.58 -13.02
CA ALA A 129 -32.96 -23.76 -13.10
C ALA A 129 -31.72 -23.61 -12.21
N VAL A 130 -31.16 -22.37 -12.18
CA VAL A 130 -29.99 -21.97 -11.40
C VAL A 130 -30.30 -22.05 -9.89
N LEU A 131 -31.49 -21.58 -9.46
CA LEU A 131 -31.93 -21.59 -8.06
C LEU A 131 -32.06 -23.00 -7.46
N ASN A 132 -32.23 -24.03 -8.32
CA ASN A 132 -32.36 -25.43 -7.95
C ASN A 132 -31.04 -26.22 -8.08
N ASP A 133 -29.99 -25.60 -8.69
CA ASP A 133 -28.68 -26.21 -8.87
C ASP A 133 -28.02 -26.34 -7.49
N GLU A 134 -27.41 -27.49 -7.21
CA GLU A 134 -26.77 -27.80 -5.93
C GLU A 134 -25.43 -27.08 -5.74
N ARG A 135 -24.71 -26.76 -6.83
CA ARG A 135 -23.43 -26.04 -6.74
C ARG A 135 -23.72 -24.58 -6.39
N TYR A 136 -24.83 -24.04 -6.96
CA TYR A 136 -25.30 -22.67 -6.73
C TYR A 136 -25.86 -22.48 -5.30
N LYS A 137 -26.67 -23.45 -4.83
CA LYS A 137 -27.27 -23.43 -3.49
C LYS A 137 -26.18 -23.40 -2.41
N SER A 138 -25.10 -24.21 -2.60
CA SER A 138 -23.91 -24.31 -1.74
C SER A 138 -23.07 -23.04 -1.83
N PHE A 139 -22.92 -22.46 -3.05
CA PHE A 139 -22.18 -21.22 -3.28
C PHE A 139 -22.82 -20.06 -2.51
N LYS A 140 -24.16 -19.93 -2.57
CA LYS A 140 -24.92 -18.88 -1.89
C LYS A 140 -25.00 -19.07 -0.38
N LEU A 141 -24.78 -20.32 0.10
CA LEU A 141 -24.79 -20.69 1.52
C LEU A 141 -23.40 -20.59 2.15
N PHE A 142 -22.35 -20.91 1.37
CA PHE A 142 -20.97 -20.87 1.88
C PHE A 142 -20.37 -19.49 1.77
N THR A 143 -20.82 -18.67 0.79
CA THR A 143 -20.34 -17.30 0.61
C THR A 143 -21.08 -16.30 1.53
N SER A 144 -22.22 -16.72 2.14
CA SER A 144 -22.97 -15.92 3.11
C SER A 144 -22.12 -15.67 4.38
N VAL A 145 -21.07 -16.48 4.57
CA VAL A 145 -20.11 -16.36 5.66
C VAL A 145 -19.08 -15.30 5.27
N PHE A 146 -18.86 -14.33 6.16
CA PHE A 146 -17.88 -13.26 5.98
C PHE A 146 -16.47 -13.85 6.03
N GLY A 147 -15.73 -13.68 4.95
CA GLY A 147 -14.39 -14.24 4.81
C GLY A 147 -14.27 -15.37 3.81
N VAL A 148 -15.41 -15.93 3.36
CA VAL A 148 -15.52 -17.04 2.40
C VAL A 148 -16.03 -16.53 1.04
N GLY A 149 -15.23 -16.73 0.01
CA GLY A 149 -15.58 -16.35 -1.36
C GLY A 149 -15.78 -17.56 -2.25
N LEU A 150 -15.78 -17.33 -3.58
CA LEU A 150 -16.00 -18.34 -4.62
C LEU A 150 -15.12 -19.59 -4.48
N LYS A 151 -13.78 -19.41 -4.37
CA LYS A 151 -12.75 -20.45 -4.33
C LYS A 151 -12.87 -21.42 -3.14
N THR A 152 -13.07 -20.96 -1.89
CA THR A 152 -13.21 -21.88 -0.75
C THR A 152 -14.59 -22.58 -0.78
N ALA A 153 -15.63 -21.90 -1.32
CA ALA A 153 -17.00 -22.42 -1.46
C ALA A 153 -17.06 -23.52 -2.54
N GLU A 154 -16.16 -23.42 -3.54
CA GLU A 154 -16.01 -24.40 -4.61
C GLU A 154 -15.21 -25.58 -4.06
N LYS A 155 -14.18 -25.27 -3.22
CA LYS A 155 -13.29 -26.21 -2.55
C LYS A 155 -14.08 -27.10 -1.58
N TRP A 156 -14.93 -26.48 -0.74
CA TRP A 156 -15.76 -27.21 0.23
C TRP A 156 -16.83 -28.08 -0.44
N PHE A 157 -17.39 -27.59 -1.56
CA PHE A 157 -18.38 -28.34 -2.34
C PHE A 157 -17.71 -29.58 -3.00
N ARG A 158 -16.44 -29.43 -3.48
CA ARG A 158 -15.61 -30.50 -4.07
C ARG A 158 -15.29 -31.58 -3.02
N MET A 159 -15.02 -31.14 -1.77
CA MET A 159 -14.71 -32.02 -0.63
C MET A 159 -15.93 -32.80 -0.12
N GLY A 160 -17.12 -32.35 -0.50
CA GLY A 160 -18.39 -33.00 -0.15
C GLY A 160 -19.24 -32.28 0.87
N PHE A 161 -18.95 -30.99 1.14
CA PHE A 161 -19.70 -30.21 2.11
C PHE A 161 -20.98 -29.63 1.54
N ARG A 162 -22.07 -29.75 2.30
CA ARG A 162 -23.38 -29.24 1.92
C ARG A 162 -23.98 -28.26 2.96
N THR A 163 -23.73 -28.51 4.27
CA THR A 163 -24.23 -27.69 5.39
C THR A 163 -23.11 -26.90 6.08
N LEU A 164 -23.41 -25.67 6.53
CA LEU A 164 -22.45 -24.81 7.25
C LEU A 164 -21.99 -25.37 8.61
N SER A 165 -22.78 -26.33 9.18
CA SER A 165 -22.51 -26.98 10.46
C SER A 165 -21.41 -28.05 10.35
N LYS A 166 -21.35 -28.79 9.22
CA LYS A 166 -20.36 -29.83 8.94
C LYS A 166 -18.95 -29.23 8.79
N ILE A 167 -18.84 -28.06 8.13
CA ILE A 167 -17.60 -27.28 7.92
C ILE A 167 -17.05 -26.83 9.28
N GLN A 168 -17.93 -26.29 10.15
CA GLN A 168 -17.62 -25.81 11.49
C GLN A 168 -17.19 -26.96 12.40
N SER A 169 -17.89 -28.12 12.29
CA SER A 169 -17.58 -29.32 13.06
C SER A 169 -16.64 -30.24 12.26
N ASP A 170 -15.40 -29.76 12.04
CA ASP A 170 -14.31 -30.47 11.37
C ASP A 170 -13.02 -30.34 12.22
N LYS A 171 -11.99 -31.13 11.91
CA LYS A 171 -10.72 -31.12 12.65
C LYS A 171 -9.52 -31.15 11.73
N SER A 172 -9.66 -30.60 10.51
CA SER A 172 -8.60 -30.54 9.50
C SER A 172 -8.60 -29.21 8.78
N LEU A 173 -9.78 -28.55 8.72
CA LEU A 173 -9.91 -27.25 8.06
C LEU A 173 -9.24 -26.13 8.83
N ARG A 174 -8.44 -25.34 8.12
CA ARG A 174 -7.68 -24.22 8.63
C ARG A 174 -8.37 -22.94 8.15
N PHE A 175 -9.15 -22.32 9.04
CA PHE A 175 -9.90 -21.11 8.73
C PHE A 175 -9.11 -19.86 8.95
N THR A 176 -9.33 -18.85 8.08
CA THR A 176 -8.69 -17.54 8.19
C THR A 176 -9.32 -16.82 9.40
N GLN A 177 -8.66 -15.74 9.88
CA GLN A 177 -9.14 -14.93 11.00
C GLN A 177 -10.49 -14.30 10.65
N MET A 178 -10.69 -13.99 9.34
CA MET A 178 -11.92 -13.43 8.79
C MET A 178 -13.08 -14.44 8.86
N GLN A 179 -12.82 -15.72 8.48
CA GLN A 179 -13.79 -16.83 8.51
C GLN A 179 -14.13 -17.22 9.93
N LYS A 180 -13.15 -17.13 10.85
CA LYS A 180 -13.35 -17.41 12.27
C LYS A 180 -14.33 -16.36 12.85
N ALA A 181 -14.23 -15.08 12.41
CA ALA A 181 -15.13 -13.96 12.77
C ALA A 181 -16.49 -14.14 12.09
N GLY A 182 -16.47 -14.52 10.81
CA GLY A 182 -17.64 -14.78 9.99
C GLY A 182 -18.56 -15.85 10.58
N PHE A 183 -17.98 -16.92 11.17
CA PHE A 183 -18.65 -18.05 11.83
C PHE A 183 -19.03 -17.78 13.31
N LEU A 184 -18.32 -16.86 13.95
CA LEU A 184 -18.57 -16.44 15.33
C LEU A 184 -19.83 -15.57 15.41
N TYR A 185 -19.94 -14.60 14.51
CA TYR A 185 -21.02 -13.61 14.48
C TYR A 185 -22.00 -13.77 13.33
N TYR A 186 -22.02 -14.97 12.70
CA TYR A 186 -22.82 -15.35 11.51
C TYR A 186 -24.27 -14.83 11.49
N GLU A 187 -25.07 -15.11 12.56
CA GLU A 187 -26.48 -14.70 12.66
C GLU A 187 -26.66 -13.18 12.57
N ASP A 188 -25.86 -12.41 13.32
CA ASP A 188 -25.88 -10.94 13.32
C ASP A 188 -25.34 -10.37 12.01
N LEU A 189 -24.37 -11.07 11.37
CA LEU A 189 -23.72 -10.63 10.13
C LEU A 189 -24.56 -10.86 8.88
N VAL A 190 -25.45 -11.87 8.88
CA VAL A 190 -26.31 -12.14 7.72
C VAL A 190 -27.58 -11.27 7.79
N SER A 191 -27.94 -10.79 8.99
CA SER A 191 -29.07 -9.87 9.16
C SER A 191 -28.55 -8.47 8.81
N CYS A 192 -29.22 -7.80 7.87
CA CYS A 192 -28.78 -6.50 7.40
C CYS A 192 -28.89 -5.39 8.45
N VAL A 193 -28.05 -4.36 8.27
CA VAL A 193 -28.01 -3.15 9.08
C VAL A 193 -29.16 -2.27 8.56
N ASN A 194 -30.02 -1.82 9.45
CA ASN A 194 -31.13 -0.91 9.12
C ASN A 194 -30.72 0.54 9.44
N ARG A 195 -31.59 1.51 9.11
CA ARG A 195 -31.32 2.94 9.36
C ARG A 195 -31.11 3.27 10.86
N PRO A 196 -31.97 2.83 11.83
CA PRO A 196 -31.70 3.15 13.25
C PRO A 196 -30.35 2.67 13.79
N GLU A 197 -29.82 1.54 13.26
CA GLU A 197 -28.53 0.91 13.58
C GLU A 197 -27.35 1.72 13.00
N ALA A 198 -27.45 2.13 11.71
CA ALA A 198 -26.44 2.94 11.00
C ALA A 198 -26.24 4.29 11.72
N GLU A 199 -27.35 4.87 12.21
CA GLU A 199 -27.40 6.11 12.97
C GLU A 199 -26.75 6.00 14.35
N ALA A 200 -26.88 4.82 15.01
CA ALA A 200 -26.27 4.56 16.32
C ALA A 200 -24.78 4.27 16.13
N VAL A 201 -24.39 3.74 14.96
CA VAL A 201 -22.99 3.47 14.62
C VAL A 201 -22.30 4.83 14.32
N SER A 202 -23.06 5.75 13.66
CA SER A 202 -22.67 7.13 13.35
C SER A 202 -22.36 7.88 14.65
N MET A 203 -23.21 7.70 15.68
CA MET A 203 -23.06 8.28 17.02
C MET A 203 -21.76 7.82 17.67
N LEU A 204 -21.44 6.50 17.59
CA LEU A 204 -20.25 5.84 18.13
C LEU A 204 -18.97 6.37 17.49
N VAL A 205 -18.92 6.39 16.13
CA VAL A 205 -17.77 6.84 15.34
C VAL A 205 -17.48 8.33 15.61
N LYS A 206 -18.52 9.19 15.53
CA LYS A 206 -18.41 10.64 15.78
C LYS A 206 -17.95 10.96 17.18
N GLU A 207 -18.37 10.14 18.17
CA GLU A 207 -17.97 10.24 19.57
C GLU A 207 -16.46 9.96 19.65
N ALA A 208 -16.03 8.77 19.15
CA ALA A 208 -14.65 8.30 19.12
C ALA A 208 -13.68 9.29 18.42
N VAL A 209 -14.04 9.78 17.21
CA VAL A 209 -13.26 10.71 16.39
C VAL A 209 -13.10 12.07 17.04
N VAL A 210 -14.21 12.66 17.54
CA VAL A 210 -14.26 13.97 18.21
C VAL A 210 -13.37 14.05 19.45
N THR A 211 -13.07 12.91 20.11
CA THR A 211 -12.18 12.90 21.28
C THR A 211 -10.71 13.10 20.86
N PHE A 212 -10.31 12.54 19.68
CA PHE A 212 -8.93 12.62 19.19
C PHE A 212 -8.68 13.76 18.22
N LEU A 213 -9.66 14.12 17.40
CA LEU A 213 -9.61 15.21 16.42
C LEU A 213 -10.99 15.94 16.44
N PRO A 214 -11.18 16.94 17.34
CA PRO A 214 -12.51 17.60 17.45
C PRO A 214 -12.97 18.41 16.24
N ASP A 215 -12.05 18.73 15.30
CA ASP A 215 -12.32 19.48 14.06
C ASP A 215 -12.75 18.57 12.88
N ALA A 216 -12.63 17.22 13.03
CA ALA A 216 -12.91 16.25 11.98
C ALA A 216 -14.37 16.15 11.51
N LEU A 217 -14.53 15.97 10.19
CA LEU A 217 -15.80 15.79 9.49
C LEU A 217 -16.00 14.29 9.25
N VAL A 218 -17.11 13.76 9.75
CA VAL A 218 -17.52 12.36 9.61
C VAL A 218 -18.73 12.34 8.69
N THR A 219 -18.61 11.59 7.59
CA THR A 219 -19.67 11.45 6.60
C THR A 219 -19.96 9.99 6.40
N MET A 220 -21.23 9.63 6.43
CA MET A 220 -21.67 8.29 6.09
C MET A 220 -21.62 8.22 4.56
N THR A 221 -20.94 7.19 4.05
CA THR A 221 -20.74 6.91 2.63
C THR A 221 -21.50 5.58 2.34
N GLY A 222 -21.13 4.88 1.26
CA GLY A 222 -21.72 3.60 0.87
C GLY A 222 -23.18 3.69 0.57
N GLY A 223 -23.88 2.57 0.75
CA GLY A 223 -25.31 2.40 0.47
C GLY A 223 -26.23 3.34 1.19
N PHE A 224 -25.99 3.60 2.49
CA PHE A 224 -26.79 4.53 3.27
C PHE A 224 -26.73 5.98 2.74
N ARG A 225 -25.58 6.45 2.19
CA ARG A 225 -25.49 7.78 1.54
C ARG A 225 -26.28 7.82 0.20
N ARG A 226 -26.55 6.64 -0.40
CA ARG A 226 -27.30 6.55 -1.66
C ARG A 226 -28.82 6.52 -1.40
N GLY A 227 -29.20 6.71 -0.12
CA GLY A 227 -30.58 6.77 0.34
C GLY A 227 -31.21 5.45 0.69
N LYS A 228 -30.39 4.40 0.76
CA LYS A 228 -30.82 3.05 1.09
C LYS A 228 -31.25 2.99 2.55
N MET A 229 -32.25 2.15 2.84
CA MET A 229 -32.79 1.99 4.18
C MET A 229 -32.11 0.83 4.92
N THR A 230 -31.48 -0.09 4.16
CA THR A 230 -30.73 -1.25 4.67
C THR A 230 -29.37 -1.31 3.99
N GLY A 231 -28.44 -2.03 4.62
CA GLY A 231 -27.08 -2.22 4.13
C GLY A 231 -26.43 -3.41 4.80
N HIS A 232 -25.42 -4.01 4.17
CA HIS A 232 -24.71 -5.15 4.75
C HIS A 232 -23.75 -4.68 5.86
N ASP A 233 -23.27 -3.42 5.73
CA ASP A 233 -22.36 -2.76 6.65
C ASP A 233 -22.71 -1.27 6.72
N VAL A 234 -21.86 -0.47 7.38
CA VAL A 234 -21.97 1.00 7.48
C VAL A 234 -20.61 1.56 7.08
N ASP A 235 -20.59 2.46 6.10
CA ASP A 235 -19.35 3.07 5.59
C ASP A 235 -19.24 4.50 6.03
N PHE A 236 -18.01 4.92 6.36
CA PHE A 236 -17.71 6.27 6.80
C PHE A 236 -16.49 6.81 6.12
N LEU A 237 -16.45 8.13 5.99
CA LEU A 237 -15.30 8.88 5.49
C LEU A 237 -15.01 9.93 6.55
N ILE A 238 -13.77 9.94 7.06
CA ILE A 238 -13.32 10.88 8.10
C ILE A 238 -12.28 11.80 7.49
N THR A 239 -12.38 13.13 7.76
CA THR A 239 -11.51 14.15 7.17
C THR A 239 -11.26 15.32 8.17
N SER A 240 -10.12 16.03 8.06
CA SER A 240 -9.81 17.19 8.91
C SER A 240 -9.00 18.26 8.18
N PRO A 241 -9.45 19.54 8.18
CA PRO A 241 -8.68 20.59 7.49
C PRO A 241 -7.51 21.10 8.35
N GLU A 242 -7.66 21.07 9.69
CA GLU A 242 -6.66 21.47 10.68
C GLU A 242 -6.25 20.23 11.52
N ALA A 243 -5.04 19.66 11.23
CA ALA A 243 -4.52 18.46 11.91
C ALA A 243 -3.00 18.47 11.95
N GLU A 247 -0.72 14.28 12.52
CA GLU A 247 -1.75 14.12 13.53
C GLU A 247 -2.88 13.22 13.04
N GLU A 248 -3.31 13.43 11.79
CA GLU A 248 -4.37 12.65 11.13
C GLU A 248 -3.85 11.27 10.70
N GLN A 249 -2.50 11.12 10.59
CA GLN A 249 -1.76 9.93 10.14
C GLN A 249 -1.98 8.69 11.03
N GLN A 250 -2.71 8.82 12.14
CA GLN A 250 -2.99 7.70 13.04
C GLN A 250 -4.33 7.83 13.75
N LEU A 251 -5.31 8.61 13.21
CA LEU A 251 -6.62 8.78 13.88
C LEU A 251 -7.40 7.46 13.97
N LEU A 252 -7.39 6.66 12.89
CA LEU A 252 -8.09 5.36 12.83
C LEU A 252 -7.51 4.39 13.80
N HIS A 253 -6.20 4.47 14.03
CA HIS A 253 -5.53 3.63 15.00
C HIS A 253 -5.84 4.07 16.44
N LYS A 254 -6.12 5.39 16.66
CA LYS A 254 -6.50 5.95 17.97
C LYS A 254 -7.94 5.54 18.33
N VAL A 255 -8.86 5.67 17.33
CA VAL A 255 -10.30 5.34 17.37
C VAL A 255 -10.54 3.85 17.62
N THR A 256 -9.77 2.98 16.95
CA THR A 256 -9.97 1.53 17.09
C THR A 256 -9.41 1.01 18.41
N ASP A 257 -8.34 1.64 18.92
CA ASP A 257 -7.76 1.31 20.22
C ASP A 257 -8.73 1.75 21.34
N PHE A 258 -9.49 2.85 21.10
CA PHE A 258 -10.51 3.40 22.00
C PHE A 258 -11.67 2.39 22.14
N TRP A 259 -12.09 1.79 21.02
CA TRP A 259 -13.13 0.75 21.01
C TRP A 259 -12.65 -0.54 21.67
N LYS A 260 -11.36 -0.90 21.47
CA LYS A 260 -10.74 -2.09 22.08
C LYS A 260 -10.69 -1.96 23.62
N GLN A 261 -10.45 -0.74 24.14
CA GLN A 261 -10.44 -0.47 25.58
C GLN A 261 -11.85 -0.57 26.20
N GLN A 262 -12.89 -0.48 25.35
CA GLN A 262 -14.30 -0.60 25.74
C GLN A 262 -14.84 -2.03 25.46
N GLY A 263 -14.04 -2.88 24.82
CA GLY A 263 -14.41 -4.25 24.47
C GLY A 263 -15.40 -4.32 23.32
N LEU A 264 -15.36 -3.31 22.43
CA LEU A 264 -16.29 -3.19 21.29
C LEU A 264 -15.71 -3.64 19.96
N LEU A 265 -14.38 -3.78 19.88
CA LEU A 265 -13.66 -4.15 18.66
C LEU A 265 -13.56 -5.69 18.57
N LEU A 266 -14.55 -6.30 17.90
CA LEU A 266 -14.66 -7.76 17.72
C LEU A 266 -13.68 -8.32 16.70
N TYR A 267 -13.36 -7.50 15.70
CA TYR A 267 -12.47 -7.78 14.58
C TYR A 267 -12.04 -6.43 14.00
N HIS A 268 -10.84 -6.40 13.43
CA HIS A 268 -10.24 -5.21 12.85
C HIS A 268 -9.15 -5.62 11.85
N GLN A 269 -9.09 -4.88 10.75
CA GLN A 269 -8.11 -5.03 9.69
C GLN A 269 -7.70 -3.63 9.33
N TYR A 270 -6.47 -3.24 9.66
CA TYR A 270 -5.96 -1.89 9.43
C TYR A 270 -5.19 -1.80 8.12
N HIS A 271 -5.39 -0.70 7.41
CA HIS A 271 -4.84 -0.37 6.11
C HIS A 271 -4.19 1.04 6.20
N ARG A 272 -3.13 1.26 5.42
CA ARG A 272 -2.45 2.56 5.38
C ARG A 272 -2.02 2.88 3.93
N SER A 273 -1.17 3.94 3.75
CA SER A 273 -0.65 4.42 2.44
C SER A 273 0.12 5.76 2.55
N HIS A 274 1.01 5.97 1.56
CA HIS A 274 1.86 7.14 1.39
C HIS A 274 2.17 7.31 -0.10
N SER A 286 -0.20 18.29 -9.51
CA SER A 286 -0.65 19.15 -8.41
C SER A 286 -1.13 18.32 -7.20
N SER A 287 -1.47 17.02 -7.43
CA SER A 287 -2.00 16.08 -6.43
C SER A 287 -0.95 15.43 -5.52
N THR A 288 0.16 14.91 -6.08
CA THR A 288 1.30 14.25 -5.39
C THR A 288 0.89 12.84 -4.78
N MET A 289 1.73 12.24 -3.89
CA MET A 289 1.48 10.92 -3.24
C MET A 289 0.65 11.01 -1.93
N ASP A 290 -0.01 9.89 -1.56
CA ASP A 290 -0.96 9.73 -0.43
C ASP A 290 -0.45 9.97 1.02
N VAL A 291 -1.43 10.09 1.95
CA VAL A 291 -1.37 10.38 3.40
C VAL A 291 -2.42 9.43 4.12
N PHE A 292 -3.20 8.74 3.30
CA PHE A 292 -4.31 7.78 3.46
C PHE A 292 -4.25 6.67 4.58
N GLU A 293 -5.42 6.39 5.17
CA GLU A 293 -5.71 5.43 6.24
C GLU A 293 -7.08 4.73 5.98
N ARG A 294 -7.22 3.46 6.37
CA ARG A 294 -8.46 2.69 6.27
C ARG A 294 -8.54 1.65 7.40
N SER A 295 -9.72 1.46 8.01
CA SER A 295 -9.92 0.48 9.09
C SER A 295 -11.23 -0.26 8.92
N PHE A 296 -11.14 -1.56 8.61
CA PHE A 296 -12.34 -2.38 8.48
C PHE A 296 -12.56 -3.17 9.77
N CYS A 297 -13.67 -2.90 10.47
CA CYS A 297 -13.98 -3.47 11.78
C CYS A 297 -15.29 -4.24 11.79
N ILE A 298 -15.49 -4.98 12.87
CA ILE A 298 -16.71 -5.62 13.30
C ILE A 298 -16.86 -5.04 14.70
N LEU A 299 -17.89 -4.25 14.90
CA LEU A 299 -18.18 -3.61 16.16
C LEU A 299 -19.34 -4.25 16.88
N LYS A 300 -19.23 -4.29 18.21
CA LYS A 300 -20.23 -4.73 19.16
C LYS A 300 -21.12 -3.48 19.38
N LEU A 301 -22.40 -3.54 18.97
CA LEU A 301 -23.36 -2.43 19.13
C LEU A 301 -24.49 -2.80 20.08
N ASP A 302 -24.45 -2.28 21.34
CA ASP A 302 -25.45 -2.52 22.39
C ASP A 302 -26.82 -2.03 21.91
N HIS A 303 -27.90 -2.82 22.13
CA HIS A 303 -29.25 -2.44 21.69
C HIS A 303 -29.79 -1.14 22.35
N GLY A 304 -29.17 -0.74 23.47
CA GLY A 304 -29.50 0.50 24.18
C GLY A 304 -29.17 1.73 23.35
N ARG A 305 -28.13 1.62 22.50
CA ARG A 305 -27.66 2.67 21.59
C ARG A 305 -28.60 2.87 20.39
N VAL A 306 -29.44 1.85 20.07
CA VAL A 306 -30.40 1.88 18.96
C VAL A 306 -31.82 2.23 19.47
N HIS A 307 -32.51 3.14 18.77
CA HIS A 307 -33.87 3.57 19.11
C HIS A 307 -34.95 2.78 18.38
N GLN A 314 -37.43 -12.31 21.85
CA GLN A 314 -36.62 -11.95 23.02
C GLN A 314 -35.33 -11.22 22.63
N GLU A 315 -34.93 -10.25 23.46
CA GLU A 315 -33.70 -9.46 23.29
C GLU A 315 -32.43 -10.28 23.41
N GLY A 316 -32.36 -11.06 24.49
CA GLY A 316 -31.30 -12.02 24.80
C GLY A 316 -29.89 -11.50 25.05
N LYS A 317 -29.06 -11.48 23.97
CA LYS A 317 -27.64 -11.12 23.97
C LYS A 317 -27.32 -9.74 24.58
N GLY A 318 -27.98 -8.69 24.09
CA GLY A 318 -27.72 -7.34 24.59
C GLY A 318 -26.99 -6.44 23.61
N TRP A 319 -26.49 -7.03 22.51
CA TRP A 319 -25.75 -6.34 21.45
C TRP A 319 -25.86 -7.07 20.09
N LYS A 320 -25.41 -6.40 19.00
CA LYS A 320 -25.37 -6.91 17.63
C LYS A 320 -24.01 -6.57 16.96
N ALA A 321 -23.36 -7.57 16.36
CA ALA A 321 -22.11 -7.40 15.64
C ALA A 321 -22.40 -6.78 14.26
N ILE A 322 -21.77 -5.62 13.99
CA ILE A 322 -21.95 -4.86 12.76
C ILE A 322 -20.60 -4.56 12.11
N ARG A 323 -20.52 -4.70 10.79
CA ARG A 323 -19.33 -4.40 10.00
C ARG A 323 -19.31 -2.90 9.74
N VAL A 324 -18.16 -2.26 10.04
CA VAL A 324 -17.96 -0.82 9.92
C VAL A 324 -16.69 -0.57 9.11
N ASP A 325 -16.83 0.15 8.00
CA ASP A 325 -15.70 0.51 7.17
C ASP A 325 -15.41 1.98 7.35
N LEU A 326 -14.23 2.30 7.89
CA LEU A 326 -13.81 3.67 8.18
C LEU A 326 -12.66 4.02 7.27
N VAL A 327 -12.86 5.03 6.44
CA VAL A 327 -11.82 5.48 5.52
C VAL A 327 -11.41 6.90 6.00
N MET A 328 -10.12 7.21 5.96
CA MET A 328 -9.63 8.53 6.35
C MET A 328 -8.69 9.09 5.30
N CYS A 329 -8.96 10.30 4.86
CA CYS A 329 -8.11 10.89 3.83
C CYS A 329 -7.81 12.39 4.15
N PRO A 330 -6.80 13.02 3.50
CA PRO A 330 -6.58 14.46 3.71
C PRO A 330 -7.77 15.28 3.17
N TYR A 331 -8.07 16.42 3.84
CA TYR A 331 -9.17 17.32 3.48
C TYR A 331 -9.20 17.72 1.98
N ASP A 332 -8.04 17.90 1.35
CA ASP A 332 -7.95 18.26 -0.08
C ASP A 332 -8.25 17.10 -1.03
N ARG A 333 -8.33 15.85 -0.48
CA ARG A 333 -8.60 14.62 -1.25
C ARG A 333 -10.04 14.09 -1.02
N ARG A 334 -10.86 14.85 -0.27
CA ARG A 334 -12.22 14.52 0.18
C ARG A 334 -13.24 14.20 -0.91
N ALA A 335 -13.30 15.01 -1.99
CA ALA A 335 -14.22 14.86 -3.12
C ALA A 335 -14.06 13.52 -3.82
N PHE A 336 -12.79 13.09 -4.01
CA PHE A 336 -12.40 11.86 -4.68
C PHE A 336 -12.76 10.62 -3.86
N ALA A 337 -12.56 10.73 -2.54
CA ALA A 337 -12.88 9.71 -1.55
C ALA A 337 -14.38 9.56 -1.44
N LEU A 338 -15.13 10.68 -1.35
CA LEU A 338 -16.60 10.67 -1.33
C LEU A 338 -17.09 9.95 -2.55
N LEU A 339 -16.66 10.39 -3.77
CA LEU A 339 -17.03 9.76 -5.01
C LEU A 339 -16.68 8.28 -5.03
N GLY A 340 -15.47 7.92 -4.61
CA GLY A 340 -15.00 6.55 -4.59
C GLY A 340 -15.63 5.59 -3.58
N TRP A 341 -16.11 6.10 -2.45
CA TRP A 341 -16.68 5.25 -1.42
C TRP A 341 -18.19 5.42 -1.21
N THR A 342 -18.88 6.18 -2.09
CA THR A 342 -20.34 6.34 -2.05
C THR A 342 -20.91 5.20 -2.88
N GLY A 343 -20.20 4.86 -3.95
CA GLY A 343 -20.59 3.82 -4.86
C GLY A 343 -21.70 4.25 -5.79
N SER A 344 -22.47 3.29 -6.33
CA SER A 344 -22.34 1.84 -6.10
C SER A 344 -21.11 1.26 -6.81
N ARG A 345 -20.81 -0.03 -6.57
CA ARG A 345 -19.69 -0.73 -7.20
C ARG A 345 -19.73 -0.59 -8.75
N GLN A 346 -20.93 -0.76 -9.34
CA GLN A 346 -21.22 -0.64 -10.77
C GLN A 346 -21.01 0.77 -11.29
N PHE A 347 -21.36 1.78 -10.46
CA PHE A 347 -21.17 3.19 -10.73
C PHE A 347 -19.66 3.50 -10.83
N GLU A 348 -18.89 2.94 -9.88
CA GLU A 348 -17.42 3.04 -9.75
C GLU A 348 -16.66 2.38 -10.87
N ARG A 349 -17.06 1.15 -11.24
CA ARG A 349 -16.38 0.44 -12.33
C ARG A 349 -16.67 1.11 -13.70
N ASP A 350 -17.83 1.75 -13.84
CA ASP A 350 -18.23 2.50 -15.04
C ASP A 350 -17.67 3.93 -15.07
N LEU A 351 -17.32 4.52 -13.91
CA LEU A 351 -16.66 5.84 -13.79
C LEU A 351 -15.26 5.70 -14.36
N ARG A 352 -14.59 4.59 -13.96
CA ARG A 352 -13.24 4.20 -14.38
C ARG A 352 -13.21 3.86 -15.85
N ARG A 353 -14.17 3.04 -16.32
CA ARG A 353 -14.32 2.60 -17.69
C ARG A 353 -14.53 3.77 -18.64
N TYR A 354 -15.45 4.67 -18.29
CA TYR A 354 -15.77 5.88 -19.04
C TYR A 354 -14.56 6.84 -19.09
N ALA A 355 -13.89 7.08 -17.95
CA ALA A 355 -12.74 7.99 -17.86
C ALA A 355 -11.59 7.55 -18.75
N THR A 356 -11.26 6.25 -18.74
CA THR A 356 -10.14 5.75 -19.54
C THR A 356 -10.49 5.69 -21.04
N HIS A 357 -11.70 5.20 -21.41
CA HIS A 357 -12.14 4.97 -22.79
C HIS A 357 -12.74 6.17 -23.50
N GLU A 358 -13.39 7.09 -22.77
CA GLU A 358 -14.03 8.25 -23.41
C GLU A 358 -13.25 9.54 -23.23
N ARG A 359 -12.48 9.64 -22.15
CA ARG A 359 -11.82 10.89 -21.81
C ARG A 359 -10.29 10.85 -21.76
N LYS A 360 -9.66 9.65 -21.90
CA LYS A 360 -8.19 9.45 -21.81
C LYS A 360 -7.70 10.01 -20.47
N MET A 361 -8.43 9.63 -19.41
CA MET A 361 -8.22 10.08 -18.04
C MET A 361 -8.19 8.87 -17.11
N MET A 362 -7.56 9.02 -15.96
CA MET A 362 -7.46 7.95 -14.98
C MET A 362 -8.06 8.44 -13.67
N LEU A 363 -9.10 7.76 -13.20
CA LEU A 363 -9.75 8.09 -11.95
C LEU A 363 -9.55 7.01 -10.92
N ASP A 364 -9.24 7.45 -9.69
CA ASP A 364 -9.10 6.60 -8.52
C ASP A 364 -9.75 7.31 -7.35
N ASN A 365 -9.79 6.63 -6.20
CA ASN A 365 -10.42 7.16 -5.02
C ASN A 365 -9.68 8.34 -4.41
N HIS A 366 -8.56 8.78 -5.01
CA HIS A 366 -7.71 9.85 -4.48
C HIS A 366 -7.43 11.00 -5.46
N ALA A 367 -7.52 10.76 -6.78
CA ALA A 367 -7.24 11.78 -7.79
C ALA A 367 -7.81 11.45 -9.16
N LEU A 368 -7.71 12.41 -10.10
CA LEU A 368 -8.13 12.29 -11.49
C LEU A 368 -6.99 12.87 -12.32
N TYR A 369 -6.38 12.03 -13.14
CA TYR A 369 -5.27 12.39 -13.99
C TYR A 369 -5.69 12.49 -15.45
N ASP A 370 -5.26 13.55 -16.15
CA ASP A 370 -5.53 13.75 -17.58
C ASP A 370 -4.28 13.28 -18.29
N ARG A 371 -4.37 12.17 -19.03
CA ARG A 371 -3.24 11.56 -19.76
C ARG A 371 -2.65 12.46 -20.84
N THR A 372 -3.52 13.09 -21.67
CA THR A 372 -3.16 13.99 -22.77
C THR A 372 -2.40 15.26 -22.29
N LYS A 373 -2.94 15.95 -21.25
CA LYS A 373 -2.36 17.16 -20.68
C LYS A 373 -1.30 16.87 -19.61
N ARG A 374 -1.12 15.58 -19.26
CA ARG A 374 -0.18 15.07 -18.25
C ARG A 374 -0.29 15.79 -16.88
N VAL A 375 -1.51 16.23 -16.54
CA VAL A 375 -1.78 16.95 -15.31
C VAL A 375 -2.92 16.34 -14.49
N PHE A 376 -2.77 16.42 -13.16
CA PHE A 376 -3.79 16.00 -12.21
C PHE A 376 -4.82 17.12 -12.10
N LEU A 377 -6.09 16.77 -12.29
CA LEU A 377 -7.22 17.70 -12.25
C LEU A 377 -7.75 17.80 -10.85
N GLU A 378 -7.69 19.01 -10.29
CA GLU A 378 -8.11 19.29 -8.91
C GLU A 378 -9.61 19.51 -8.80
N ALA A 379 -10.19 19.11 -7.65
CA ALA A 379 -11.63 19.20 -7.41
C ALA A 379 -11.93 19.34 -5.93
N GLU A 380 -12.72 20.38 -5.57
CA GLU A 380 -13.14 20.68 -4.19
C GLU A 380 -14.42 19.93 -3.84
N SER A 381 -15.22 19.54 -4.86
CA SER A 381 -16.48 18.82 -4.68
C SER A 381 -16.62 17.66 -5.71
N GLU A 382 -17.62 16.78 -5.50
CA GLU A 382 -17.97 15.69 -6.43
C GLU A 382 -18.42 16.26 -7.77
N GLU A 383 -19.08 17.43 -7.74
CA GLU A 383 -19.56 18.19 -8.90
C GLU A 383 -18.41 18.55 -9.83
N GLU A 384 -17.27 18.99 -9.26
CA GLU A 384 -16.06 19.35 -10.00
C GLU A 384 -15.40 18.15 -10.70
N ILE A 385 -15.51 16.94 -10.11
CA ILE A 385 -15.00 15.70 -10.71
C ILE A 385 -15.85 15.36 -11.94
N PHE A 386 -17.18 15.43 -11.80
CA PHE A 386 -18.13 15.18 -12.88
C PHE A 386 -17.89 16.17 -14.04
N ALA A 387 -17.74 17.46 -13.73
CA ALA A 387 -17.50 18.55 -14.67
C ALA A 387 -16.18 18.40 -15.43
N HIS A 388 -15.12 17.88 -14.76
CA HIS A 388 -13.81 17.57 -15.36
C HIS A 388 -13.96 16.41 -16.38
N LEU A 389 -14.72 15.37 -15.99
CA LEU A 389 -14.98 14.18 -16.77
C LEU A 389 -15.99 14.37 -17.91
N GLY A 390 -16.63 15.53 -17.99
CA GLY A 390 -17.63 15.85 -19.02
C GLY A 390 -18.95 15.16 -18.80
N LEU A 391 -19.32 14.97 -17.52
CA LEU A 391 -20.52 14.28 -17.09
C LEU A 391 -21.48 15.20 -16.36
N ASP A 392 -22.79 14.95 -16.54
CA ASP A 392 -23.84 15.65 -15.81
C ASP A 392 -23.83 15.07 -14.42
N TYR A 393 -23.82 15.94 -13.40
CA TYR A 393 -23.79 15.53 -12.01
C TYR A 393 -24.90 14.57 -11.67
N ILE A 394 -24.52 13.47 -11.05
CA ILE A 394 -25.43 12.42 -10.61
C ILE A 394 -25.42 12.52 -9.09
N GLU A 395 -26.58 12.68 -8.49
CA GLU A 395 -26.75 12.84 -7.04
C GLU A 395 -26.51 11.50 -6.35
N PRO A 396 -25.99 11.42 -5.09
CA PRO A 396 -25.75 10.11 -4.44
C PRO A 396 -26.89 9.10 -4.50
N TRP A 397 -28.14 9.55 -4.30
CA TRP A 397 -29.31 8.68 -4.37
C TRP A 397 -29.66 8.23 -5.80
N GLU A 398 -29.00 8.81 -6.84
CA GLU A 398 -29.11 8.47 -8.26
C GLU A 398 -27.89 7.62 -8.73
N ARG A 399 -27.15 7.02 -7.78
CA ARG A 399 -25.97 6.17 -8.05
C ARG A 399 -26.22 4.70 -7.70
N ASN A 400 -27.51 4.30 -7.63
CA ASN A 400 -27.90 2.94 -7.23
C ASN A 400 -27.83 1.94 -8.34
N ALA A 401 -26.83 2.06 -9.21
CA ALA A 401 -26.60 1.20 -10.37
C ALA A 401 -26.21 -0.21 -9.98
N LYS B 39 14.04 16.86 -21.01
CA LYS B 39 15.12 15.86 -21.06
C LYS B 39 15.42 15.30 -19.66
N ILE B 40 15.61 13.97 -19.58
CA ILE B 40 15.92 13.28 -18.32
C ILE B 40 17.31 12.68 -18.39
N SER B 41 18.12 12.90 -17.34
CA SER B 41 19.48 12.38 -17.26
C SER B 41 19.50 10.94 -16.82
N GLN B 42 20.47 10.16 -17.33
CA GLN B 42 20.68 8.76 -16.97
C GLN B 42 21.28 8.63 -15.55
N TYR B 43 21.77 9.75 -14.97
CA TYR B 43 22.37 9.84 -13.64
C TYR B 43 21.38 10.37 -12.58
N ALA B 44 21.21 9.63 -11.47
CA ALA B 44 20.34 9.95 -10.32
C ALA B 44 20.70 11.28 -9.65
N CYS B 45 21.99 11.61 -9.60
CA CYS B 45 22.51 12.87 -9.05
C CYS B 45 22.09 14.11 -9.88
N GLN B 46 21.64 13.88 -11.12
CA GLN B 46 21.25 14.91 -12.09
C GLN B 46 19.73 14.96 -12.30
N ARG B 47 18.97 14.41 -11.33
CA ARG B 47 17.51 14.39 -11.32
C ARG B 47 16.96 14.36 -9.86
N ARG B 48 15.75 14.90 -9.69
CA ARG B 48 15.06 15.02 -8.39
C ARG B 48 14.13 13.85 -8.19
N THR B 49 14.33 13.10 -7.09
CA THR B 49 13.54 11.92 -6.77
C THR B 49 13.02 12.05 -5.36
N THR B 50 11.78 12.49 -5.26
CA THR B 50 11.11 12.65 -3.98
C THR B 50 10.47 11.33 -3.60
N LEU B 51 9.68 11.31 -2.54
CA LEU B 51 9.07 10.03 -2.17
C LEU B 51 7.73 9.81 -2.89
N ASN B 52 7.28 10.76 -3.78
CA ASN B 52 6.04 10.56 -4.56
C ASN B 52 6.38 9.75 -5.79
N ASN B 53 6.10 8.44 -5.74
CA ASN B 53 6.30 7.52 -6.87
C ASN B 53 4.96 7.24 -7.57
N TYR B 54 4.85 7.71 -8.82
CA TYR B 54 3.66 7.56 -9.66
C TYR B 54 3.69 6.24 -10.45
N ASN B 55 4.87 5.65 -10.56
CA ASN B 55 5.12 4.43 -11.29
C ASN B 55 5.46 3.22 -10.40
N GLN B 56 4.86 3.16 -9.18
CA GLN B 56 5.08 2.10 -8.21
C GLN B 56 4.71 0.69 -8.69
N LEU B 57 3.72 0.56 -9.59
CA LEU B 57 3.34 -0.74 -10.17
C LEU B 57 4.43 -1.25 -11.09
N PHE B 58 5.12 -0.32 -11.79
CA PHE B 58 6.22 -0.61 -12.69
C PHE B 58 7.53 -0.85 -11.91
N THR B 59 7.83 0.01 -10.92
CA THR B 59 9.05 -0.07 -10.11
C THR B 59 9.07 -1.32 -9.20
N ASP B 60 7.91 -1.75 -8.68
CA ASP B 60 7.87 -2.95 -7.82
C ASP B 60 8.28 -4.20 -8.59
N ALA B 61 7.85 -4.29 -9.86
CA ALA B 61 8.18 -5.38 -10.77
C ALA B 61 9.67 -5.37 -11.16
N LEU B 62 10.24 -4.18 -11.45
CA LEU B 62 11.65 -4.03 -11.82
C LEU B 62 12.62 -4.32 -10.66
N ASP B 63 12.17 -4.09 -9.40
CA ASP B 63 12.94 -4.37 -8.18
C ASP B 63 13.07 -5.87 -7.98
N ILE B 64 12.01 -6.62 -8.33
CA ILE B 64 11.91 -8.07 -8.27
C ILE B 64 12.86 -8.71 -9.32
N LEU B 65 12.88 -8.17 -10.55
CA LEU B 65 13.73 -8.63 -11.66
C LEU B 65 15.20 -8.29 -11.45
N ALA B 66 15.48 -7.21 -10.70
CA ALA B 66 16.84 -6.83 -10.29
C ALA B 66 17.29 -7.83 -9.21
N GLU B 67 16.41 -8.16 -8.24
CA GLU B 67 16.70 -9.13 -7.17
C GLU B 67 17.03 -10.52 -7.72
N ASN B 68 16.27 -10.99 -8.73
CA ASN B 68 16.46 -12.30 -9.37
C ASN B 68 17.78 -12.38 -10.11
N ASP B 69 18.22 -11.26 -10.73
CA ASP B 69 19.50 -11.22 -11.43
C ASP B 69 20.67 -11.10 -10.47
N GLU B 70 20.43 -10.59 -9.26
CA GLU B 70 21.41 -10.47 -8.19
C GLU B 70 21.66 -11.88 -7.62
N LEU B 71 20.56 -12.62 -7.40
CA LEU B 71 20.55 -14.00 -6.93
C LEU B 71 21.27 -14.91 -7.96
N ARG B 72 20.91 -14.77 -9.25
CA ARG B 72 21.52 -15.53 -10.36
C ARG B 72 22.94 -15.03 -10.71
N GLU B 73 23.34 -13.85 -10.16
CA GLU B 73 24.64 -13.17 -10.31
C GLU B 73 24.92 -12.75 -11.79
N ASN B 74 23.96 -12.06 -12.38
CA ASN B 74 24.02 -11.41 -13.69
C ASN B 74 23.97 -9.94 -13.29
N GLU B 75 25.14 -9.43 -12.84
CA GLU B 75 25.39 -8.10 -12.27
C GLU B 75 25.04 -6.92 -13.19
N GLY B 76 25.26 -7.09 -14.50
CA GLY B 76 24.96 -6.08 -15.51
C GLY B 76 23.47 -5.93 -15.71
N SER B 77 22.77 -7.08 -15.78
CA SER B 77 21.31 -7.17 -15.94
CA SER B 77 21.32 -7.15 -15.94
C SER B 77 20.61 -6.63 -14.69
N CYS B 78 21.17 -6.93 -13.50
CA CYS B 78 20.65 -6.49 -12.21
C CYS B 78 20.71 -4.97 -12.10
N LEU B 79 21.88 -4.39 -12.39
CA LEU B 79 22.08 -2.95 -12.37
C LEU B 79 21.17 -2.22 -13.37
N ALA B 80 20.93 -2.81 -14.55
CA ALA B 80 20.03 -2.24 -15.57
C ALA B 80 18.58 -2.13 -15.05
N PHE B 81 18.09 -3.15 -14.31
CA PHE B 81 16.76 -3.12 -13.73
C PHE B 81 16.66 -2.12 -12.59
N MET B 82 17.75 -1.96 -11.85
CA MET B 82 17.94 -1.03 -10.74
C MET B 82 17.96 0.42 -11.26
N ARG B 83 18.65 0.64 -12.40
CA ARG B 83 18.80 1.94 -13.04
C ARG B 83 17.51 2.41 -13.64
N ALA B 84 16.69 1.47 -14.13
CA ALA B 84 15.38 1.69 -14.74
C ALA B 84 14.29 1.92 -13.69
N SER B 85 14.29 1.15 -12.58
CA SER B 85 13.36 1.33 -11.45
C SER B 85 13.56 2.76 -10.86
N SER B 86 14.82 3.19 -10.73
CA SER B 86 15.25 4.49 -10.22
C SER B 86 14.79 5.67 -11.07
N VAL B 87 14.94 5.56 -12.42
CA VAL B 87 14.54 6.61 -13.34
C VAL B 87 12.97 6.78 -13.36
N LEU B 88 12.19 5.69 -13.14
CA LEU B 88 10.73 5.76 -13.10
C LEU B 88 10.22 6.40 -11.80
N LYS B 89 11.03 6.35 -10.72
CA LYS B 89 10.71 6.95 -9.41
C LYS B 89 10.83 8.50 -9.48
N SER B 90 11.66 9.01 -10.40
CA SER B 90 11.93 10.44 -10.58
C SER B 90 10.82 11.13 -11.38
N LEU B 91 10.13 10.36 -12.25
CA LEU B 91 9.08 10.83 -13.15
C LEU B 91 7.91 11.48 -12.43
N PRO B 92 7.48 12.68 -12.90
CA PRO B 92 6.37 13.40 -12.23
C PRO B 92 4.94 13.09 -12.70
N PHE B 93 4.76 11.98 -13.43
CA PHE B 93 3.46 11.54 -13.95
C PHE B 93 3.44 10.00 -14.04
N PRO B 94 2.28 9.32 -13.93
CA PRO B 94 2.28 7.85 -14.12
C PRO B 94 2.32 7.45 -15.60
N ILE B 95 3.07 6.39 -15.94
CA ILE B 95 3.12 5.88 -17.31
C ILE B 95 1.82 5.13 -17.56
N THR B 96 1.13 5.52 -18.63
CA THR B 96 -0.18 4.99 -19.01
C THR B 96 -0.19 4.47 -20.46
N SER B 97 0.80 4.90 -21.27
CA SER B 97 1.01 4.49 -22.67
C SER B 97 2.51 4.31 -22.96
N MET B 98 2.87 3.61 -24.05
CA MET B 98 4.28 3.40 -24.43
C MET B 98 4.90 4.68 -24.96
N LYS B 99 4.07 5.66 -25.38
CA LYS B 99 4.54 6.97 -25.86
C LYS B 99 5.14 7.79 -24.71
N ASP B 100 4.78 7.43 -23.45
CA ASP B 100 5.27 8.09 -22.23
C ASP B 100 6.72 7.73 -21.95
N THR B 101 7.16 6.53 -22.39
CA THR B 101 8.51 6.02 -22.19
C THR B 101 9.54 6.64 -23.14
N GLU B 102 9.09 7.27 -24.26
CA GLU B 102 9.94 7.92 -25.26
C GLU B 102 10.86 8.99 -24.63
N GLY B 103 12.16 8.88 -24.92
CA GLY B 103 13.19 9.79 -24.42
C GLY B 103 13.70 9.52 -23.02
N ILE B 104 13.13 8.50 -22.33
CA ILE B 104 13.56 8.15 -20.98
C ILE B 104 14.80 7.26 -21.02
N PRO B 105 15.94 7.72 -20.43
CA PRO B 105 17.14 6.87 -20.39
C PRO B 105 16.96 5.66 -19.46
N CYS B 106 17.85 4.65 -19.59
CA CYS B 106 17.89 3.40 -18.79
C CYS B 106 16.80 2.42 -19.19
N LEU B 107 16.07 2.76 -20.25
CA LEU B 107 14.98 1.98 -20.82
C LEU B 107 15.37 1.55 -22.23
N GLY B 108 15.69 0.27 -22.36
CA GLY B 108 16.06 -0.37 -23.61
C GLY B 108 14.94 -1.29 -24.03
N ASP B 109 15.26 -2.31 -24.83
CA ASP B 109 14.25 -3.25 -25.33
C ASP B 109 13.63 -4.13 -24.24
N LYS B 110 14.43 -4.72 -23.34
CA LYS B 110 13.91 -5.58 -22.29
C LYS B 110 12.97 -4.87 -21.30
N VAL B 111 13.38 -3.70 -20.75
CA VAL B 111 12.56 -2.97 -19.78
C VAL B 111 11.28 -2.41 -20.45
N LYS B 112 11.39 -1.90 -21.69
CA LYS B 112 10.23 -1.41 -22.46
C LYS B 112 9.17 -2.51 -22.61
N SER B 113 9.61 -3.77 -22.83
CA SER B 113 8.73 -4.94 -22.93
C SER B 113 8.12 -5.32 -21.56
N ILE B 114 8.79 -4.97 -20.43
CA ILE B 114 8.27 -5.24 -19.09
C ILE B 114 7.15 -4.22 -18.82
N ILE B 115 7.42 -2.93 -19.15
CA ILE B 115 6.49 -1.80 -19.01
C ILE B 115 5.20 -2.05 -19.83
N GLU B 116 5.36 -2.51 -21.08
CA GLU B 116 4.29 -2.86 -22.02
C GLU B 116 3.34 -3.94 -21.44
N GLY B 117 3.91 -4.92 -20.74
CA GLY B 117 3.18 -6.00 -20.09
C GLY B 117 2.31 -5.52 -18.93
N ILE B 118 2.80 -4.52 -18.17
CA ILE B 118 2.07 -3.89 -17.05
C ILE B 118 1.01 -2.90 -17.59
N ILE B 119 1.23 -2.34 -18.78
CA ILE B 119 0.26 -1.42 -19.41
C ILE B 119 -0.97 -2.21 -19.94
N GLU B 120 -0.74 -3.32 -20.66
CA GLU B 120 -1.80 -4.14 -21.24
C GLU B 120 -2.55 -5.01 -20.22
N ASP B 121 -1.86 -5.51 -19.18
CA ASP B 121 -2.42 -6.41 -18.16
C ASP B 121 -2.66 -5.75 -16.79
N GLY B 122 -1.72 -4.92 -16.36
CA GLY B 122 -1.75 -4.29 -15.04
C GLY B 122 -0.83 -5.05 -14.10
N GLU B 123 -0.44 -6.26 -14.52
CA GLU B 123 0.42 -7.19 -13.81
C GLU B 123 1.58 -7.61 -14.72
N SER B 124 2.75 -7.93 -14.12
CA SER B 124 3.96 -8.38 -14.81
C SER B 124 4.07 -9.90 -14.74
N SER B 125 4.01 -10.58 -15.91
CA SER B 125 4.12 -12.05 -15.98
C SER B 125 5.52 -12.53 -15.57
N GLU B 126 6.54 -11.75 -15.94
CA GLU B 126 7.96 -11.99 -15.65
C GLU B 126 8.28 -11.83 -14.17
N ALA B 127 7.73 -10.78 -13.53
CA ALA B 127 7.95 -10.54 -12.10
C ALA B 127 7.17 -11.53 -11.24
N LYS B 128 5.96 -11.94 -11.68
CA LYS B 128 5.10 -12.90 -10.97
C LYS B 128 5.73 -14.28 -10.94
N ALA B 129 6.47 -14.66 -11.99
CA ALA B 129 7.17 -15.94 -12.12
C ALA B 129 8.30 -16.06 -11.10
N VAL B 130 9.03 -14.94 -10.87
CA VAL B 130 10.14 -14.79 -9.92
C VAL B 130 9.62 -14.98 -8.46
N LEU B 131 8.47 -14.37 -8.12
CA LEU B 131 7.86 -14.45 -6.79
C LEU B 131 7.45 -15.88 -6.38
N ASN B 132 7.26 -16.78 -7.37
CA ASN B 132 6.89 -18.20 -7.19
C ASN B 132 8.10 -19.15 -7.27
N ASP B 133 9.28 -18.64 -7.67
CA ASP B 133 10.52 -19.42 -7.74
C ASP B 133 10.96 -19.75 -6.32
N GLU B 134 11.37 -21.01 -6.09
CA GLU B 134 11.76 -21.51 -4.77
C GLU B 134 13.14 -21.05 -4.36
N ARG B 135 14.01 -20.79 -5.35
CA ARG B 135 15.38 -20.31 -5.19
C ARG B 135 15.34 -18.84 -4.69
N TYR B 136 14.32 -18.05 -5.15
CA TYR B 136 14.03 -16.65 -4.83
C TYR B 136 13.33 -16.50 -3.48
N LYS B 137 12.33 -17.35 -3.21
CA LYS B 137 11.55 -17.35 -1.96
C LYS B 137 12.48 -17.55 -0.75
N SER B 138 13.42 -18.51 -0.88
CA SER B 138 14.45 -18.87 0.12
C SER B 138 15.49 -17.77 0.25
N PHE B 139 15.91 -17.14 -0.89
CA PHE B 139 16.86 -16.03 -0.92
C PHE B 139 16.33 -14.85 -0.11
N LYS B 140 15.08 -14.41 -0.36
CA LYS B 140 14.44 -13.31 0.36
C LYS B 140 14.24 -13.63 1.87
N LEU B 141 13.98 -14.92 2.19
CA LEU B 141 13.77 -15.40 3.55
C LEU B 141 15.06 -15.59 4.36
N PHE B 142 16.16 -16.04 3.69
CA PHE B 142 17.43 -16.27 4.37
C PHE B 142 18.24 -15.01 4.52
N THR B 143 18.15 -14.09 3.51
CA THR B 143 18.86 -12.79 3.53
C THR B 143 18.14 -11.74 4.43
N SER B 144 16.89 -12.02 4.85
CA SER B 144 16.15 -11.14 5.78
C SER B 144 16.87 -11.12 7.15
N VAL B 145 17.74 -12.12 7.40
CA VAL B 145 18.57 -12.25 8.60
C VAL B 145 19.79 -11.34 8.45
N PHE B 146 20.03 -10.49 9.45
CA PHE B 146 21.17 -9.58 9.48
C PHE B 146 22.46 -10.40 9.63
N GLY B 147 23.35 -10.27 8.66
CA GLY B 147 24.60 -11.01 8.63
C GLY B 147 24.67 -12.06 7.54
N VAL B 148 23.51 -12.36 6.94
CA VAL B 148 23.35 -13.31 5.83
C VAL B 148 23.12 -12.54 4.53
N GLY B 149 23.87 -12.92 3.52
CA GLY B 149 23.76 -12.39 2.17
C GLY B 149 23.49 -13.51 1.18
N LEU B 150 23.69 -13.22 -0.11
CA LEU B 150 23.44 -14.12 -1.23
C LEU B 150 24.08 -15.52 -1.10
N LYS B 151 25.38 -15.58 -0.80
CA LYS B 151 26.20 -16.82 -0.72
C LYS B 151 25.80 -17.78 0.39
N THR B 152 25.63 -17.30 1.67
CA THR B 152 25.22 -18.14 2.81
C THR B 152 23.79 -18.67 2.57
N ALA B 153 22.93 -17.87 1.91
CA ALA B 153 21.55 -18.23 1.59
C ALA B 153 21.49 -19.37 0.57
N GLU B 154 22.25 -19.24 -0.55
CA GLU B 154 22.36 -20.26 -1.60
C GLU B 154 22.98 -21.54 -1.05
N LYS B 155 23.91 -21.40 -0.09
CA LYS B 155 24.56 -22.50 0.62
C LYS B 155 23.53 -23.30 1.42
N TRP B 156 22.68 -22.60 2.20
CA TRP B 156 21.64 -23.21 3.02
C TRP B 156 20.54 -23.86 2.17
N PHE B 157 20.21 -23.24 1.04
CA PHE B 157 19.22 -23.78 0.08
C PHE B 157 19.76 -25.07 -0.57
N ARG B 158 21.10 -25.11 -0.87
CA ARG B 158 21.83 -26.28 -1.43
C ARG B 158 21.83 -27.44 -0.45
N MET B 159 22.00 -27.14 0.85
CA MET B 159 22.02 -28.10 1.95
C MET B 159 20.64 -28.68 2.27
N GLY B 160 19.59 -28.03 1.77
CA GLY B 160 18.21 -28.47 1.92
C GLY B 160 17.37 -27.69 2.92
N PHE B 161 17.82 -26.49 3.33
CA PHE B 161 17.05 -25.65 4.26
C PHE B 161 16.00 -24.84 3.55
N ARG B 162 14.79 -24.82 4.11
CA ARG B 162 13.67 -24.07 3.53
C ARG B 162 13.14 -23.02 4.50
N THR B 163 13.29 -23.28 5.82
CA THR B 163 12.86 -22.39 6.90
C THR B 163 14.03 -21.82 7.70
N LEU B 164 13.77 -20.75 8.49
CA LEU B 164 14.77 -20.15 9.36
C LEU B 164 14.89 -20.91 10.69
N SER B 165 13.79 -21.58 11.14
CA SER B 165 13.75 -22.38 12.38
C SER B 165 14.67 -23.61 12.33
N LYS B 166 14.76 -24.27 11.15
CA LYS B 166 15.62 -25.43 10.87
C LYS B 166 17.11 -25.06 10.96
N ILE B 167 17.49 -23.89 10.41
CA ILE B 167 18.86 -23.33 10.44
C ILE B 167 19.27 -23.04 11.89
N GLN B 168 18.36 -22.43 12.68
CA GLN B 168 18.59 -22.10 14.09
C GLN B 168 18.70 -23.37 14.93
N SER B 169 17.84 -24.38 14.65
CA SER B 169 17.87 -25.67 15.34
C SER B 169 18.75 -26.65 14.55
N ASP B 170 20.05 -26.28 14.47
CA ASP B 170 21.14 -27.00 13.81
C ASP B 170 22.40 -26.62 14.60
N LYS B 171 22.79 -27.50 15.55
CA LYS B 171 23.94 -27.32 16.44
C LYS B 171 25.30 -27.36 15.74
N SER B 172 25.35 -27.94 14.51
CA SER B 172 26.58 -28.07 13.74
C SER B 172 26.92 -26.81 12.94
N LEU B 173 25.92 -25.99 12.54
CA LEU B 173 26.13 -24.73 11.79
C LEU B 173 26.99 -23.72 12.57
N ARG B 174 28.01 -23.15 11.89
CA ARG B 174 28.95 -22.18 12.45
C ARG B 174 28.56 -20.79 11.96
N PHE B 175 27.79 -20.06 12.80
CA PHE B 175 27.33 -18.71 12.47
C PHE B 175 28.33 -17.65 12.88
N THR B 176 28.42 -16.59 12.05
CA THR B 176 29.26 -15.42 12.34
C THR B 176 28.63 -14.66 13.52
N GLN B 177 29.40 -13.74 14.14
CA GLN B 177 28.93 -12.92 15.26
C GLN B 177 27.73 -12.07 14.83
N MET B 178 27.71 -11.65 13.54
CA MET B 178 26.65 -10.89 12.90
C MET B 178 25.37 -11.70 12.76
N GLN B 179 25.49 -12.98 12.34
CA GLN B 179 24.40 -13.96 12.19
C GLN B 179 23.81 -14.34 13.52
N LYS B 180 24.66 -14.51 14.57
CA LYS B 180 24.22 -14.79 15.94
C LYS B 180 23.32 -13.64 16.42
N ALA B 181 23.74 -12.39 16.13
CA ALA B 181 22.95 -11.19 16.44
C ALA B 181 21.67 -11.14 15.59
N GLY B 182 21.80 -11.42 14.28
CA GLY B 182 20.70 -11.43 13.33
C GLY B 182 19.58 -12.38 13.71
N PHE B 183 19.91 -13.54 14.30
CA PHE B 183 18.97 -14.59 14.75
C PHE B 183 18.38 -14.34 16.14
N LEU B 184 19.17 -13.75 17.05
CA LEU B 184 18.79 -13.43 18.42
C LEU B 184 17.76 -12.31 18.47
N TYR B 185 17.89 -11.29 17.57
CA TYR B 185 17.00 -10.14 17.53
C TYR B 185 16.17 -10.05 16.25
N TYR B 186 16.04 -11.17 15.49
CA TYR B 186 15.35 -11.31 14.19
C TYR B 186 14.00 -10.55 14.07
N GLU B 187 13.05 -10.79 15.00
CA GLU B 187 11.72 -10.18 14.99
C GLU B 187 11.77 -8.66 15.04
N ASP B 188 12.57 -8.10 15.97
CA ASP B 188 12.79 -6.65 16.12
C ASP B 188 13.56 -6.06 14.94
N LEU B 189 14.48 -6.85 14.34
CA LEU B 189 15.33 -6.42 13.23
C LEU B 189 14.64 -6.39 11.88
N VAL B 190 13.61 -7.24 11.66
CA VAL B 190 12.88 -7.26 10.40
C VAL B 190 11.76 -6.22 10.42
N SER B 191 11.30 -5.80 11.63
CA SER B 191 10.31 -4.75 11.77
C SER B 191 11.05 -3.42 11.62
N CYS B 192 10.62 -2.58 10.68
CA CYS B 192 11.29 -1.33 10.39
C CYS B 192 11.22 -0.32 11.53
N VAL B 193 12.22 0.57 11.54
CA VAL B 193 12.33 1.69 12.46
C VAL B 193 11.39 2.77 11.90
N ASN B 194 10.49 3.28 12.74
CA ASN B 194 9.57 4.36 12.38
C ASN B 194 10.14 5.71 12.89
N ARG B 195 9.46 6.83 12.57
CA ARG B 195 9.89 8.15 12.99
C ARG B 195 9.94 8.33 14.53
N PRO B 196 8.91 7.93 15.36
CA PRO B 196 9.06 8.09 16.83
C PRO B 196 10.25 7.36 17.47
N GLU B 197 10.68 6.22 16.87
CA GLU B 197 11.82 5.39 17.26
C GLU B 197 13.16 6.06 16.89
N ALA B 198 13.30 6.59 15.65
CA ALA B 198 14.48 7.29 15.14
C ALA B 198 14.77 8.51 16.00
N GLU B 199 13.71 9.21 16.44
CA GLU B 199 13.73 10.39 17.31
C GLU B 199 14.19 10.05 18.73
N ALA B 200 13.82 8.87 19.25
CA ALA B 200 14.23 8.41 20.58
C ALA B 200 15.68 7.90 20.53
N VAL B 201 16.11 7.41 19.34
CA VAL B 201 17.50 6.96 19.12
C VAL B 201 18.40 8.20 19.03
N SER B 202 17.88 9.27 18.39
CA SER B 202 18.50 10.60 18.26
C SER B 202 18.76 11.16 19.65
N MET B 203 17.78 11.04 20.57
CA MET B 203 17.87 11.48 21.96
C MET B 203 19.00 10.76 22.71
N LEU B 204 19.12 9.43 22.50
CA LEU B 204 20.14 8.53 23.08
C LEU B 204 21.55 8.90 22.62
N VAL B 205 21.75 9.02 21.30
CA VAL B 205 23.04 9.35 20.69
C VAL B 205 23.51 10.74 21.13
N LYS B 206 22.64 11.77 21.04
CA LYS B 206 22.93 13.16 21.44
C LYS B 206 23.27 13.28 22.91
N GLU B 207 22.62 12.44 23.76
CA GLU B 207 22.87 12.36 25.20
C GLU B 207 24.29 11.84 25.40
N ALA B 208 24.61 10.67 24.82
CA ALA B 208 25.89 9.99 24.90
C ALA B 208 27.07 10.85 24.39
N VAL B 209 26.92 11.49 23.21
CA VAL B 209 27.92 12.34 22.56
C VAL B 209 28.22 13.60 23.37
N VAL B 210 27.17 14.31 23.81
CA VAL B 210 27.24 15.55 24.61
C VAL B 210 27.96 15.34 25.95
N THR B 211 27.85 14.11 26.50
CA THR B 211 28.51 13.78 27.76
C THR B 211 30.04 13.70 27.57
N PHE B 212 30.54 13.42 26.34
CA PHE B 212 31.98 13.34 26.09
C PHE B 212 32.55 14.55 25.35
N LEU B 213 31.89 14.98 24.26
CA LEU B 213 32.24 16.15 23.45
C LEU B 213 30.99 17.07 23.43
N PRO B 214 30.84 17.98 24.43
CA PRO B 214 29.64 18.85 24.49
C PRO B 214 29.44 19.84 23.35
N ASP B 215 30.50 20.10 22.54
CA ASP B 215 30.44 21.01 21.39
C ASP B 215 30.05 20.31 20.07
N ALA B 216 29.96 18.96 20.07
CA ALA B 216 29.65 18.17 18.89
C ALA B 216 28.25 18.36 18.28
N LEU B 217 28.21 18.35 16.94
CA LEU B 217 27.02 18.44 16.09
C LEU B 217 26.63 17.02 15.66
N VAL B 218 25.40 16.63 15.99
CA VAL B 218 24.81 15.33 15.66
C VAL B 218 23.73 15.58 14.62
N THR B 219 23.89 14.92 13.45
CA THR B 219 22.94 15.02 12.34
C THR B 219 22.47 13.64 11.97
N MET B 220 21.16 13.45 11.89
CA MET B 220 20.58 12.20 11.41
C MET B 220 20.79 12.25 9.89
N THR B 221 21.25 11.12 9.33
CA THR B 221 21.55 10.96 7.91
C THR B 221 20.76 9.79 7.35
N GLY B 222 21.17 9.31 6.16
CA GLY B 222 20.55 8.18 5.48
C GLY B 222 19.10 8.42 5.13
N GLY B 223 18.30 7.37 5.24
CA GLY B 223 16.88 7.36 4.92
C GLY B 223 16.07 8.49 5.51
N PHE B 224 16.10 8.60 6.85
CA PHE B 224 15.36 9.59 7.63
C PHE B 224 15.69 11.05 7.26
N ARG B 225 16.95 11.37 6.87
CA ARG B 225 17.31 12.71 6.38
C ARG B 225 16.71 12.98 4.96
N ARG B 226 16.36 11.91 4.21
CA ARG B 226 15.74 12.04 2.89
C ARG B 226 14.21 12.22 2.98
N GLY B 227 13.71 12.36 4.22
CA GLY B 227 12.30 12.60 4.54
C GLY B 227 11.46 11.35 4.67
N LYS B 228 12.11 10.20 4.75
CA LYS B 228 11.45 8.91 4.89
C LYS B 228 10.83 8.79 6.27
N MET B 229 9.70 8.09 6.35
CA MET B 229 8.98 7.90 7.60
C MET B 229 9.37 6.58 8.29
N THR B 230 9.97 5.64 7.51
CA THR B 230 10.48 4.36 7.98
C THR B 230 11.90 4.14 7.46
N GLY B 231 12.63 3.24 8.10
CA GLY B 231 13.99 2.87 7.75
C GLY B 231 14.35 1.55 8.37
N HIS B 232 15.32 0.83 7.80
CA HIS B 232 15.79 -0.45 8.35
C HIS B 232 16.68 -0.21 9.58
N ASP B 233 17.34 0.97 9.62
CA ASP B 233 18.22 1.42 10.68
C ASP B 233 18.08 2.94 10.85
N VAL B 234 18.97 3.55 11.68
CA VAL B 234 19.06 5.00 11.92
C VAL B 234 20.52 5.38 11.72
N ASP B 235 20.78 6.32 10.81
CA ASP B 235 22.15 6.78 10.51
C ASP B 235 22.43 8.14 11.11
N PHE B 236 23.64 8.35 11.60
CA PHE B 236 24.08 9.60 12.20
C PHE B 236 25.43 10.01 11.70
N LEU B 237 25.69 11.31 11.69
CA LEU B 237 26.98 11.91 11.41
C LEU B 237 27.29 12.81 12.62
N ILE B 238 28.44 12.59 13.26
CA ILE B 238 28.90 13.37 14.42
C ILE B 238 30.12 14.17 14.02
N THR B 239 30.18 15.46 14.42
CA THR B 239 31.26 16.38 14.04
C THR B 239 31.57 17.40 15.17
N SER B 240 32.82 17.92 15.26
CA SER B 240 33.20 18.92 16.27
C SER B 240 34.25 19.89 15.74
N PRO B 241 34.01 21.22 15.86
CA PRO B 241 35.00 22.18 15.37
C PRO B 241 36.10 22.45 16.41
N THR B 244 42.81 19.30 20.65
CA THR B 244 42.86 17.85 20.78
C THR B 244 42.48 17.14 19.47
N GLU B 245 43.42 16.37 18.91
CA GLU B 245 43.26 15.60 17.68
C GLU B 245 43.32 14.11 18.01
N ASP B 246 44.24 13.72 18.91
CA ASP B 246 44.45 12.35 19.40
C ASP B 246 43.52 12.07 20.60
N GLU B 247 42.85 13.13 21.13
CA GLU B 247 41.90 13.06 22.25
C GLU B 247 40.48 12.77 21.73
N GLU B 248 40.10 13.43 20.62
CA GLU B 248 38.81 13.28 19.93
C GLU B 248 38.78 12.04 18.99
N GLN B 249 39.95 11.34 18.87
CA GLN B 249 40.15 10.14 18.06
C GLN B 249 39.50 8.87 18.68
N GLN B 250 38.91 8.99 19.88
CA GLN B 250 38.23 7.91 20.60
C GLN B 250 36.84 8.32 21.10
N LEU B 251 36.17 9.24 20.38
CA LEU B 251 34.82 9.72 20.67
C LEU B 251 33.75 8.60 20.53
N LEU B 252 33.80 7.82 19.44
CA LEU B 252 32.84 6.73 19.25
C LEU B 252 33.13 5.59 20.20
N HIS B 253 34.40 5.37 20.53
CA HIS B 253 34.86 4.36 21.49
C HIS B 253 34.30 4.62 22.91
N LYS B 254 34.14 5.91 23.31
CA LYS B 254 33.60 6.34 24.61
C LYS B 254 32.07 6.20 24.66
N VAL B 255 31.39 6.65 23.58
CA VAL B 255 29.92 6.59 23.41
C VAL B 255 29.42 5.10 23.43
N THR B 256 30.13 4.19 22.75
CA THR B 256 29.80 2.75 22.69
C THR B 256 30.14 2.03 24.02
N ASP B 257 31.23 2.44 24.74
CA ASP B 257 31.62 1.88 26.06
C ASP B 257 30.62 2.31 27.14
N PHE B 258 30.09 3.54 27.04
CA PHE B 258 29.09 4.12 27.93
C PHE B 258 27.76 3.34 27.77
N TRP B 259 27.35 2.97 26.53
CA TRP B 259 26.17 2.14 26.30
C TRP B 259 26.38 0.71 26.84
N LYS B 260 27.62 0.16 26.70
CA LYS B 260 27.99 -1.18 27.20
C LYS B 260 27.89 -1.26 28.73
N GLN B 261 28.25 -0.16 29.43
CA GLN B 261 28.16 -0.06 30.88
C GLN B 261 26.70 -0.01 31.36
N GLN B 262 25.78 0.37 30.45
CA GLN B 262 24.33 0.44 30.70
C GLN B 262 23.60 -0.82 30.19
N GLY B 263 24.33 -1.71 29.53
CA GLY B 263 23.78 -2.95 28.97
C GLY B 263 22.94 -2.73 27.74
N LEU B 264 23.21 -1.64 26.99
CA LEU B 264 22.45 -1.25 25.80
C LEU B 264 23.10 -1.63 24.48
N LEU B 265 24.40 -1.98 24.51
CA LEU B 265 25.17 -2.35 23.33
C LEU B 265 25.06 -3.86 23.08
N LEU B 266 24.07 -4.24 22.26
CA LEU B 266 23.77 -5.65 21.94
C LEU B 266 24.77 -6.26 20.96
N TYR B 267 25.33 -5.40 20.09
CA TYR B 267 26.28 -5.71 19.03
C TYR B 267 26.97 -4.40 18.64
N HIS B 268 28.22 -4.49 18.20
CA HIS B 268 29.04 -3.36 17.80
C HIS B 268 30.16 -3.85 16.89
N GLN B 269 30.47 -3.05 15.88
CA GLN B 269 31.53 -3.27 14.92
C GLN B 269 32.18 -1.92 14.72
N TYR B 270 33.43 -1.78 15.19
CA TYR B 270 34.20 -0.53 15.15
C TYR B 270 35.06 -0.45 13.90
N HIS B 271 35.07 0.72 13.25
CA HIS B 271 35.78 1.03 12.01
C HIS B 271 36.78 2.16 12.13
N ARG B 272 37.66 2.27 11.12
CA ARG B 272 38.75 3.26 10.96
C ARG B 272 39.20 3.18 9.46
N SER B 273 40.33 3.82 9.08
CA SER B 273 40.89 3.83 7.73
C SER B 273 41.59 2.51 7.37
N PHE B 292 38.55 8.35 8.79
CA PHE B 292 37.29 8.60 9.49
C PHE B 292 37.04 7.53 10.56
N GLU B 293 36.19 7.86 11.54
CA GLU B 293 35.73 6.98 12.64
C GLU B 293 34.28 6.52 12.32
N ARG B 294 33.94 5.25 12.62
CA ARG B 294 32.59 4.69 12.41
C ARG B 294 32.27 3.56 13.40
N SER B 295 31.05 3.56 13.95
CA SER B 295 30.58 2.51 14.86
C SER B 295 29.22 1.98 14.40
N PHE B 296 29.17 0.73 13.94
CA PHE B 296 27.89 0.12 13.59
C PHE B 296 27.40 -0.74 14.76
N CYS B 297 26.28 -0.36 15.37
CA CYS B 297 25.73 -0.99 16.56
C CYS B 297 24.33 -1.53 16.37
N ILE B 298 23.91 -2.34 17.34
CA ILE B 298 22.56 -2.82 17.59
C ILE B 298 22.34 -2.36 19.01
N LEU B 299 21.42 -1.44 19.19
CA LEU B 299 21.09 -0.88 20.49
C LEU B 299 19.78 -1.39 21.00
N LYS B 300 19.74 -1.58 22.33
CA LYS B 300 18.60 -1.95 23.14
C LYS B 300 17.90 -0.61 23.42
N LEU B 301 16.68 -0.44 22.92
CA LEU B 301 15.91 0.79 23.07
C LEU B 301 14.63 0.52 23.85
N ASP B 302 14.58 0.99 25.12
CA ASP B 302 13.43 0.83 26.02
C ASP B 302 12.21 1.54 25.45
N HIS B 303 11.00 0.90 25.49
CA HIS B 303 9.75 1.50 24.96
C HIS B 303 9.34 2.80 25.66
N GLY B 304 9.86 3.03 26.86
CA GLY B 304 9.61 4.24 27.65
C GLY B 304 10.19 5.48 26.98
N ARG B 305 11.30 5.29 26.23
CA ARG B 305 12.01 6.33 25.49
C ARG B 305 11.24 6.77 24.22
N VAL B 306 10.32 5.90 23.73
CA VAL B 306 9.52 6.15 22.53
C VAL B 306 8.10 6.65 22.92
N HIS B 307 7.61 7.71 22.25
CA HIS B 307 6.28 8.28 22.49
C HIS B 307 5.22 7.68 21.55
N GLY B 316 5.62 -5.93 28.33
CA GLY B 316 5.66 -7.01 27.34
C GLY B 316 7.07 -7.51 27.09
N LYS B 317 7.84 -6.76 26.33
CA LYS B 317 9.24 -7.05 26.01
C LYS B 317 10.11 -6.13 26.86
N GLY B 318 9.75 -4.84 26.84
CA GLY B 318 10.37 -3.75 27.57
C GLY B 318 11.26 -2.90 26.70
N TRP B 319 11.77 -3.46 25.59
CA TRP B 319 12.70 -2.82 24.67
C TRP B 319 12.64 -3.41 23.24
N LYS B 320 13.28 -2.72 22.26
CA LYS B 320 13.39 -3.12 20.85
C LYS B 320 14.84 -2.94 20.36
N ALA B 321 15.39 -3.97 19.70
CA ALA B 321 16.74 -3.96 19.14
C ALA B 321 16.71 -3.18 17.83
N ILE B 322 17.52 -2.12 17.74
CA ILE B 322 17.59 -1.24 16.57
C ILE B 322 19.04 -1.08 16.12
N ARG B 323 19.25 -1.12 14.78
CA ARG B 323 20.56 -0.94 14.17
C ARG B 323 20.83 0.57 14.05
N VAL B 324 22.00 0.99 14.54
CA VAL B 324 22.43 2.39 14.58
C VAL B 324 23.80 2.51 13.93
N ASP B 325 23.90 3.33 12.89
CA ASP B 325 25.18 3.58 12.23
C ASP B 325 25.65 4.98 12.58
N LEU B 326 26.78 5.07 13.27
CA LEU B 326 27.36 6.33 13.72
C LEU B 326 28.66 6.59 12.99
N VAL B 327 28.70 7.67 12.25
CA VAL B 327 29.91 8.03 11.50
C VAL B 327 30.46 9.33 12.16
N MET B 328 31.77 9.46 12.28
CA MET B 328 32.41 10.65 12.85
C MET B 328 33.51 11.15 11.95
N CYS B 329 33.48 12.42 11.60
CA CYS B 329 34.51 12.97 10.75
C CYS B 329 34.99 14.36 11.22
N PRO B 330 36.15 14.87 10.73
CA PRO B 330 36.57 16.23 11.12
C PRO B 330 35.60 17.28 10.57
N TYR B 331 35.38 18.39 11.32
CA TYR B 331 34.48 19.47 10.95
C TYR B 331 34.65 20.00 9.50
N ASP B 332 35.90 20.06 9.00
CA ASP B 332 36.18 20.52 7.64
C ASP B 332 35.84 19.49 6.55
N ARG B 333 35.53 18.23 6.95
CA ARG B 333 35.20 17.13 6.02
C ARG B 333 33.70 16.80 6.06
N ARG B 334 32.90 17.60 6.82
CA ARG B 334 31.46 17.44 7.09
C ARG B 334 30.56 17.35 5.84
N ALA B 335 30.76 18.25 4.84
CA ALA B 335 29.94 18.33 3.62
C ALA B 335 30.00 17.06 2.81
N PHE B 336 31.21 16.48 2.71
CA PHE B 336 31.52 15.25 1.96
C PHE B 336 30.89 14.01 2.61
N ALA B 337 30.94 13.97 3.95
CA ALA B 337 30.37 12.93 4.78
C ALA B 337 28.85 13.00 4.72
N LEU B 338 28.27 14.23 4.84
CA LEU B 338 26.83 14.44 4.73
C LEU B 338 26.37 13.89 3.39
N LEU B 339 26.99 14.36 2.28
CA LEU B 339 26.69 13.91 0.94
C LEU B 339 26.83 12.41 0.80
N GLY B 340 27.92 11.84 1.31
CA GLY B 340 28.20 10.40 1.24
C GLY B 340 27.32 9.47 2.07
N TRP B 341 26.78 9.95 3.19
CA TRP B 341 25.99 9.11 4.06
C TRP B 341 24.49 9.47 4.12
N THR B 342 24.02 10.42 3.28
CA THR B 342 22.59 10.78 3.20
C THR B 342 21.96 9.83 2.19
N GLY B 343 22.74 9.48 1.19
CA GLY B 343 22.32 8.59 0.13
C GLY B 343 21.41 9.28 -0.87
N SER B 344 20.57 8.49 -1.58
CA SER B 344 20.46 7.02 -1.49
C SER B 344 21.65 6.32 -2.13
N ARG B 345 21.77 5.00 -1.97
CA ARG B 345 22.82 4.17 -2.55
C ARG B 345 22.98 4.46 -4.08
N GLN B 346 21.85 4.54 -4.81
CA GLN B 346 21.76 4.82 -6.26
C GLN B 346 22.23 6.24 -6.58
N PHE B 347 21.93 7.20 -5.69
CA PHE B 347 22.34 8.60 -5.81
C PHE B 347 23.86 8.67 -5.71
N GLU B 348 24.42 7.90 -4.74
CA GLU B 348 25.86 7.74 -4.43
C GLU B 348 26.66 7.08 -5.50
N ARG B 349 26.14 5.99 -6.08
CA ARG B 349 26.83 5.31 -7.14
C ARG B 349 26.79 6.14 -8.47
N ASP B 350 25.77 7.00 -8.66
CA ASP B 350 25.66 7.86 -9.84
C ASP B 350 26.39 9.22 -9.66
N LEU B 351 26.67 9.60 -8.39
CA LEU B 351 27.48 10.80 -8.07
C LEU B 351 28.91 10.49 -8.50
N ARG B 352 29.37 9.25 -8.16
CA ARG B 352 30.67 8.69 -8.48
C ARG B 352 30.82 8.48 -9.97
N ARG B 353 29.82 7.85 -10.60
CA ARG B 353 29.76 7.55 -12.02
C ARG B 353 29.83 8.82 -12.87
N TYR B 354 29.01 9.83 -12.52
CA TYR B 354 28.95 11.14 -13.18
C TYR B 354 30.27 11.89 -12.99
N ALA B 355 30.79 11.90 -11.74
CA ALA B 355 32.03 12.56 -11.37
C ALA B 355 33.20 12.11 -12.22
N THR B 356 33.42 10.78 -12.35
CA THR B 356 34.54 10.21 -13.10
C THR B 356 34.36 10.31 -14.63
N HIS B 357 33.15 10.04 -15.15
CA HIS B 357 32.83 10.00 -16.58
C HIS B 357 32.49 11.32 -17.24
N GLU B 358 31.89 12.27 -16.50
CA GLU B 358 31.49 13.56 -17.07
C GLU B 358 32.40 14.70 -16.71
N ARG B 359 33.04 14.60 -15.54
CA ARG B 359 33.83 15.70 -15.02
C ARG B 359 35.31 15.44 -14.82
N LYS B 360 35.78 14.17 -15.02
CA LYS B 360 37.19 13.74 -14.82
C LYS B 360 37.60 14.12 -13.39
N MET B 361 36.74 13.76 -12.44
CA MET B 361 36.85 14.07 -11.03
C MET B 361 36.66 12.80 -10.21
N MET B 362 37.21 12.77 -9.01
CA MET B 362 37.08 11.62 -8.12
C MET B 362 36.40 12.05 -6.83
N LEU B 363 35.23 11.49 -6.54
CA LEU B 363 34.48 11.80 -5.34
C LEU B 363 34.38 10.57 -4.46
N ASP B 364 34.61 10.78 -3.16
CA ASP B 364 34.45 9.79 -2.11
C ASP B 364 33.73 10.50 -0.97
N ASN B 365 33.56 9.83 0.17
CA ASN B 365 32.86 10.36 1.34
C ASN B 365 33.67 11.36 2.13
N HIS B 366 34.91 11.68 1.69
CA HIS B 366 35.85 12.54 2.40
C HIS B 366 36.38 13.74 1.59
N ALA B 367 36.45 13.64 0.25
CA ALA B 367 36.97 14.71 -0.62
C ALA B 367 36.52 14.60 -2.07
N LEU B 368 36.87 15.62 -2.88
CA LEU B 368 36.58 15.69 -4.32
C LEU B 368 37.85 16.19 -4.99
N TYR B 369 38.45 15.36 -5.83
CA TYR B 369 39.67 15.67 -6.56
C TYR B 369 39.40 15.94 -8.03
N ASP B 370 39.99 17.01 -8.58
CA ASP B 370 39.87 17.36 -10.00
C ASP B 370 41.11 16.84 -10.66
N ARG B 371 40.98 15.79 -11.51
CA ARG B 371 42.10 15.15 -12.21
C ARG B 371 42.84 16.09 -13.19
N THR B 372 42.09 16.88 -13.99
CA THR B 372 42.62 17.84 -14.97
C THR B 372 43.42 18.99 -14.34
N LYS B 373 42.89 19.61 -13.26
CA LYS B 373 43.55 20.71 -12.54
C LYS B 373 44.49 20.22 -11.43
N ARG B 374 44.51 18.89 -11.20
CA ARG B 374 45.33 18.20 -10.19
C ARG B 374 45.19 18.79 -8.78
N VAL B 375 44.00 19.33 -8.46
CA VAL B 375 43.75 19.94 -7.15
C VAL B 375 42.48 19.37 -6.48
N PHE B 376 42.53 19.28 -5.13
CA PHE B 376 41.39 18.89 -4.31
C PHE B 376 40.49 20.11 -4.17
N LEU B 377 39.20 19.93 -4.51
CA LEU B 377 38.19 20.98 -4.46
C LEU B 377 37.55 21.01 -3.10
N GLU B 378 37.72 22.15 -2.40
CA GLU B 378 37.21 22.36 -1.04
C GLU B 378 35.74 22.74 -1.05
N ALA B 379 35.01 22.32 -0.01
CA ALA B 379 33.58 22.60 0.11
C ALA B 379 33.13 22.65 1.56
N GLU B 380 32.46 23.75 1.95
CA GLU B 380 31.95 23.97 3.30
C GLU B 380 30.53 23.40 3.45
N SER B 381 29.81 23.23 2.32
CA SER B 381 28.44 22.70 2.28
C SER B 381 28.25 21.69 1.14
N GLU B 382 27.12 20.93 1.14
CA GLU B 382 26.75 20.00 0.08
C GLU B 382 26.53 20.76 -1.24
N GLU B 383 26.03 22.02 -1.14
CA GLU B 383 25.80 22.94 -2.26
C GLU B 383 27.08 23.22 -3.03
N GLU B 384 28.20 23.41 -2.30
CA GLU B 384 29.53 23.65 -2.88
C GLU B 384 30.07 22.44 -3.64
N ILE B 385 29.74 21.21 -3.19
CA ILE B 385 30.14 19.96 -3.86
C ILE B 385 29.40 19.85 -5.19
N PHE B 386 28.08 20.12 -5.19
CA PHE B 386 27.23 20.12 -6.38
C PHE B 386 27.73 21.16 -7.41
N ALA B 387 28.01 22.40 -6.93
CA ALA B 387 28.50 23.53 -7.73
C ALA B 387 29.87 23.25 -8.38
N HIS B 388 30.76 22.49 -7.66
CA HIS B 388 32.07 22.06 -8.16
C HIS B 388 31.88 21.03 -9.28
N LEU B 389 30.95 20.09 -9.06
CA LEU B 389 30.62 19.01 -10.00
C LEU B 389 29.79 19.43 -11.22
N GLY B 390 29.34 20.70 -11.26
CA GLY B 390 28.53 21.25 -12.34
C GLY B 390 27.10 20.74 -12.33
N LEU B 391 26.57 20.49 -11.12
CA LEU B 391 25.24 19.96 -10.89
C LEU B 391 24.35 20.94 -10.17
N ASP B 392 23.04 20.89 -10.50
CA ASP B 392 22.02 21.70 -9.83
C ASP B 392 21.83 21.02 -8.49
N TYR B 393 21.83 21.79 -7.40
CA TYR B 393 21.65 21.26 -6.05
C TYR B 393 20.37 20.46 -5.93
N ILE B 394 20.52 19.26 -5.39
CA ILE B 394 19.44 18.33 -5.17
C ILE B 394 19.30 18.28 -3.67
N GLU B 395 18.14 18.63 -3.16
CA GLU B 395 17.88 18.63 -1.72
C GLU B 395 17.86 17.19 -1.17
N PRO B 396 18.16 16.94 0.14
CA PRO B 396 18.12 15.55 0.67
C PRO B 396 16.85 14.75 0.39
N TRP B 397 15.66 15.38 0.50
CA TRP B 397 14.39 14.72 0.23
C TRP B 397 14.15 14.44 -1.27
N GLU B 398 15.01 14.99 -2.16
CA GLU B 398 15.01 14.79 -3.62
C GLU B 398 16.14 13.82 -4.07
N ARG B 399 16.71 13.03 -3.11
CA ARG B 399 17.77 12.06 -3.39
C ARG B 399 17.33 10.61 -3.13
N ASN B 400 16.01 10.36 -3.21
CA ASN B 400 15.39 9.06 -3.00
C ASN B 400 15.35 8.23 -4.25
N ALA B 401 16.46 8.21 -4.99
CA ALA B 401 16.67 7.45 -6.21
C ALA B 401 16.83 5.96 -5.91
NA NA I . -18.54 -14.24 1.95
MG MG J . -21.92 -0.43 2.89
PA XC5 K . -19.74 -1.72 0.40
O1A XC5 K . -19.18 -3.09 0.38
O2A XC5 K . -20.05 -1.32 1.89
C3A XC5 K . -21.10 -1.63 -0.44
PB XC5 K . -22.45 -0.78 -0.61
O1B XC5 K . -22.16 0.45 -1.35
O2B XC5 K . -23.49 -1.65 -1.27
O3B XC5 K . -23.01 -0.59 0.86
PG XC5 K . -24.05 -1.48 1.70
O1G XC5 K . -24.78 -2.49 0.91
O2G XC5 K . -24.99 -0.44 2.38
O3G XC5 K . -23.17 -2.10 2.77
N1 XC5 K . -16.67 -0.46 -3.43
C2 XC5 K . -16.04 -0.61 -4.68
N3 XC5 K . -15.92 -1.87 -5.21
C4 XC5 K . -16.45 -2.93 -4.58
C5 XC5 K . -17.09 -2.81 -3.31
C6 XC5 K . -17.16 -1.58 -2.77
O2 XC5 K . -15.67 0.40 -5.29
N4 XC5 K . -16.42 -4.11 -5.20
C1' XC5 K . -16.90 0.93 -2.94
C2' XC5 K . -18.24 1.54 -3.37
C3' XC5 K . -19.13 1.28 -2.18
C4' XC5 K . -18.15 1.45 -1.02
O4' XC5 K . -16.90 0.92 -1.52
O5' XC5 K . -18.65 -0.72 -0.11
C5' XC5 K . -18.54 0.68 0.22
O3' XC5 K . -20.26 2.15 -2.06
MG MG L . 19.76 4.11 7.07
NA NA M . 20.80 -9.98 5.46
PA XC5 N . 21.69 2.40 4.94
O1A XC5 N . 22.07 0.99 4.88
O2A XC5 N . 21.22 2.75 6.34
C3A XC5 N . 20.51 2.82 3.95
PB XC5 N . 19.39 3.97 3.94
O1B XC5 N . 19.51 4.88 5.09
O2B XC5 N . 19.54 4.75 2.64
O3B XC5 N . 18.00 3.19 3.97
PG XC5 N . 16.98 2.82 5.14
O1G XC5 N . 16.05 1.69 4.79
O2G XC5 N . 16.17 4.12 5.44
O3G XC5 N . 17.85 2.51 6.37
N1 XC5 N . 25.36 3.74 1.55
C2 XC5 N . 26.04 3.68 0.32
N3 XC5 N . 26.10 2.50 -0.34
C4 XC5 N . 25.48 1.41 0.14
C5 XC5 N . 24.78 1.44 1.39
C6 XC5 N . 24.76 2.61 2.06
O2 XC5 N . 26.48 4.72 -0.17
N4 XC5 N . 25.50 0.30 -0.60
C1' XC5 N . 25.24 5.09 2.21
C2' XC5 N . 24.09 5.94 1.70
C3' XC5 N . 22.99 5.58 2.69
C4' XC5 N . 23.78 5.49 3.99
O4' XC5 N . 25.04 4.89 3.61
O5' XC5 N . 22.92 3.33 4.55
C5' XC5 N . 23.14 4.66 5.06
O3' XC5 N . 21.93 6.54 2.74
#